data_8DYD
#
_entry.id   8DYD
#
_cell.length_a   66.048
_cell.length_b   103.206
_cell.length_c   126.237
_cell.angle_alpha   90.000
_cell.angle_beta   90.000
_cell.angle_gamma   90.000
#
_symmetry.space_group_name_H-M   'P 21 21 21'
#
loop_
_entity.id
_entity.type
_entity.pdbx_description
1 polymer 'Succinate dehydrogenase [ubiquinone] flavoprotein subunit, mitochondrial'
2 polymer 'Succinate dehydrogenase assembly factor 2, mitochondrial'
3 polymer 'Succinate dehydrogenase assembly factor 4, mitochondrial'
4 non-polymer 'FLAVIN-ADENINE DINUCLEOTIDE'
5 non-polymer 'TETRAETHYLENE GLYCOL'
6 non-polymer 'POTASSIUM ION'
7 non-polymer 'CHLORIDE ION'
8 non-polymer 1,2-ETHANEDIOL
9 non-polymer DI(HYDROXYETHYL)ETHER
10 water water
#
loop_
_entity_poly.entity_id
_entity_poly.type
_entity_poly.pdbx_seq_one_letter_code
_entity_poly.pdbx_strand_id
1 'polypeptide(L)'
;MRGSHHHHHHGSAKVSDSISAQYPVVDHEFDAVVVGAGGAGLRAAFGLSEAGFNTACVTKLFPTRSHTVAAQGGINAALG
NMEEDNWRWHFYDTVKGSDWLGDQDAIHYMTEQAPAAVVELENYGMPFSRTEDGKIYQRAFGGQSLKFGKGGQAHRCCCV
ADRTGHSLLHTLYGRSLRYDTSYFVEYFALDLLMENGECRGVIALCIEDGSIHRIRAKNTVVATGGYGRTYFSCTSAHTS
TGDGTAMITRAGLPCQDLEFVQFHPTGIYGAGCLITEGCRGEGGILINSQGERFMERYAPVAKDLASRDVVSRSMTLEIR
EGRGCGPEKDHVYLQLHHLPPEQLATRLPGISETAMIFAGVDVTKEPIPVLPTVHYNMGGIPTNYKGQVLRHVNGQDQIV
PGLYACGEAACASVHGANRLGANSLLDLVVFGRACALSIEESCRPGDKVPPIKPNAGEESVMNLDKLRFADGSIRTSELR
LSMQKSMQNHAAVFRVGSVLQEGCGKISKLYGDLKHLKTFDRGMVWNTDLVETLELQNLMLCALQTIYGAEARKESRGAH
AREDYKVRIDEYDYSKPIQGQQKKPFEEHWRKHTLSYVDVGTGKVTLEYRPVIDKTLNEADCATVPPAIRSY
;
A
2 'polypeptide(L)'
;SFRRFYRGDSPTDSQKDMIEIPLPPWQERTDESIETKRARLLYESRKRGMLENCILLSLFAKEHLQHMTEKQLNLYDRLI
NEPSNDWDIYYWATEAKPAPEIFENEVMALLRDFAKNKNKEQRLRAPDLEYLFEKPR
;
B
3 'polypeptide(L)'
;MRSHHHHHHENLYFQGIDPFTGSSSSQGGKSELVKQSLKKPKLPEGRFDAPEDSHLEKEPLEKFPDDVNPVTKEKGGPRG
PEPTRYGDWERKGRCIDF
;
C
#
loop_
_chem_comp.id
_chem_comp.type
_chem_comp.name
_chem_comp.formula
CL non-polymer 'CHLORIDE ION' 'Cl -1'
EDO non-polymer 1,2-ETHANEDIOL 'C2 H6 O2'
FAD non-polymer 'FLAVIN-ADENINE DINUCLEOTIDE' 'C27 H33 N9 O15 P2'
K non-polymer 'POTASSIUM ION' 'K 1'
PEG non-polymer DI(HYDROXYETHYL)ETHER 'C4 H10 O3'
PG4 non-polymer 'TETRAETHYLENE GLYCOL' 'C8 H18 O5'
#
# COMPACT_ATOMS: atom_id res chain seq x y z
N ALA A 21 6.11 17.69 28.60
CA ALA A 21 7.52 18.03 28.76
C ALA A 21 7.93 19.23 27.91
N GLN A 22 9.24 19.43 27.78
CA GLN A 22 9.81 20.35 26.80
C GLN A 22 10.15 19.58 25.54
N TYR A 23 9.93 20.22 24.39
CA TYR A 23 10.21 19.58 23.11
C TYR A 23 11.23 20.39 22.33
N PRO A 24 12.46 19.90 22.23
CA PRO A 24 13.47 20.58 21.40
C PRO A 24 12.99 20.64 19.96
N VAL A 25 13.01 21.85 19.40
CA VAL A 25 12.54 22.10 18.04
C VAL A 25 13.73 22.51 17.20
N VAL A 26 13.92 21.83 16.08
CA VAL A 26 15.03 22.09 15.16
C VAL A 26 14.44 22.52 13.84
N ASP A 27 14.93 23.64 13.30
CA ASP A 27 14.46 24.14 12.02
C ASP A 27 15.47 23.82 10.92
N HIS A 28 14.93 23.47 9.74
CA HIS A 28 15.71 23.21 8.55
C HIS A 28 15.08 23.95 7.39
N GLU A 29 15.89 24.24 6.38
CA GLU A 29 15.40 24.88 5.15
C GLU A 29 15.90 24.09 3.94
N PHE A 30 14.98 23.70 3.06
CA PHE A 30 15.29 23.02 1.82
C PHE A 30 14.54 23.68 0.67
N ASP A 31 14.98 23.40 -0.56
CA ASP A 31 14.16 23.78 -1.70
C ASP A 31 12.88 22.96 -1.72
N ALA A 32 12.99 21.66 -1.47
CA ALA A 32 11.88 20.73 -1.62
C ALA A 32 12.04 19.65 -0.57
N VAL A 33 10.90 19.18 -0.07
CA VAL A 33 10.90 18.07 0.88
C VAL A 33 9.89 17.04 0.39
N VAL A 34 10.32 15.78 0.35
CA VAL A 34 9.52 14.64 -0.04
C VAL A 34 9.25 13.83 1.23
N VAL A 35 7.99 13.55 1.50
CA VAL A 35 7.60 12.70 2.62
C VAL A 35 7.30 11.34 2.02
N GLY A 36 8.21 10.40 2.21
CA GLY A 36 8.05 9.05 1.71
C GLY A 36 9.25 8.66 0.89
N ALA A 37 9.71 7.43 1.11
CA ALA A 37 10.88 6.89 0.43
C ALA A 37 10.56 5.52 -0.15
N GLY A 38 9.32 5.35 -0.61
CA GLY A 38 8.95 4.23 -1.44
C GLY A 38 9.27 4.54 -2.88
N GLY A 39 8.68 3.78 -3.80
CA GLY A 39 9.00 4.00 -5.19
C GLY A 39 8.64 5.41 -5.64
N ALA A 40 7.50 5.92 -5.18
CA ALA A 40 7.07 7.24 -5.64
C ALA A 40 7.95 8.34 -5.05
N GLY A 41 8.16 8.30 -3.73
CA GLY A 41 8.95 9.32 -3.08
C GLY A 41 10.40 9.32 -3.54
N LEU A 42 10.99 8.13 -3.69
CA LEU A 42 12.36 8.08 -4.17
C LEU A 42 12.46 8.63 -5.58
N ARG A 43 11.46 8.36 -6.43
CA ARG A 43 11.56 8.87 -7.79
C ARG A 43 11.47 10.39 -7.79
N ALA A 44 10.60 10.94 -6.93
CA ALA A 44 10.49 12.38 -6.83
C ALA A 44 11.75 12.99 -6.23
N ALA A 45 12.28 12.39 -5.17
CA ALA A 45 13.45 12.95 -4.52
C ALA A 45 14.68 12.87 -5.43
N PHE A 46 14.88 11.73 -6.08
CA PHE A 46 15.98 11.61 -7.02
C PHE A 46 15.82 12.60 -8.16
N GLY A 47 14.59 12.73 -8.67
CA GLY A 47 14.36 13.67 -9.76
C GLY A 47 14.68 15.10 -9.37
N LEU A 48 14.22 15.52 -8.20
CA LEU A 48 14.50 16.88 -7.73
C LEU A 48 16.00 17.10 -7.55
N SER A 49 16.69 16.14 -6.90
CA SER A 49 18.12 16.32 -6.65
C SER A 49 18.92 16.31 -7.95
N GLU A 50 18.58 15.43 -8.88
CA GLU A 50 19.25 15.43 -10.18
C GLU A 50 19.06 16.77 -10.89
N ALA A 51 17.94 17.44 -10.68
CA ALA A 51 17.67 18.72 -11.30
C ALA A 51 18.29 19.90 -10.56
N GLY A 52 19.03 19.65 -9.48
CA GLY A 52 19.73 20.71 -8.77
C GLY A 52 19.03 21.23 -7.53
N PHE A 53 17.85 20.70 -7.20
CA PHE A 53 17.12 21.18 -6.05
C PHE A 53 17.68 20.56 -4.77
N ASN A 54 17.88 21.40 -3.76
CA ASN A 54 18.28 20.97 -2.43
C ASN A 54 17.08 20.29 -1.78
N THR A 55 17.13 18.96 -1.73
CA THR A 55 15.98 18.12 -1.45
C THR A 55 16.19 17.29 -0.20
N ALA A 56 15.18 17.31 0.67
CA ALA A 56 15.10 16.45 1.83
C ALA A 56 14.10 15.34 1.55
N CYS A 57 14.35 14.15 2.09
CA CYS A 57 13.41 13.04 2.02
C CYS A 57 13.20 12.53 3.44
N VAL A 58 11.97 12.69 3.93
CA VAL A 58 11.56 12.32 5.28
C VAL A 58 10.83 11.00 5.22
N THR A 59 11.29 10.01 5.98
CA THR A 59 10.71 8.67 5.90
C THR A 59 10.74 8.02 7.26
N LYS A 60 9.63 7.42 7.67
CA LYS A 60 9.57 6.76 8.97
C LYS A 60 10.26 5.40 8.95
N LEU A 61 10.80 5.01 7.80
CA LEU A 61 11.47 3.74 7.58
C LEU A 61 12.75 3.96 6.78
N PHE A 62 13.73 3.11 6.99
CA PHE A 62 14.80 3.04 6.01
C PHE A 62 14.19 2.75 4.64
N PRO A 63 14.65 3.41 3.58
CA PRO A 63 13.86 3.37 2.33
C PRO A 63 13.56 2.00 1.78
N THR A 64 14.49 1.04 1.83
CA THR A 64 14.18 -0.25 1.25
C THR A 64 13.20 -1.07 2.10
N ARG A 65 12.78 -0.58 3.26
CA ARG A 65 11.73 -1.20 4.06
C ARG A 65 10.35 -0.68 3.70
N SER A 66 10.25 0.18 2.70
CA SER A 66 8.96 0.63 2.24
C SER A 66 8.18 -0.51 1.61
N HIS A 67 6.86 -0.38 1.63
CA HIS A 67 6.02 -1.48 1.15
C HIS A 67 6.26 -1.79 -0.33
N THR A 68 6.78 -0.83 -1.10
CA THR A 68 7.22 -1.13 -2.48
C THR A 68 8.07 -2.40 -2.54
N VAL A 69 8.86 -2.68 -1.50
CA VAL A 69 9.72 -3.86 -1.56
C VAL A 69 8.91 -5.14 -1.63
N ALA A 70 7.64 -5.13 -1.17
CA ALA A 70 6.80 -6.30 -1.23
C ALA A 70 6.43 -6.68 -2.66
N ALA A 71 6.59 -5.77 -3.62
CA ALA A 71 6.16 -6.03 -5.00
C ALA A 71 7.18 -6.93 -5.69
N GLN A 72 6.86 -8.22 -5.76
CA GLN A 72 7.67 -9.20 -6.46
C GLN A 72 7.20 -9.41 -7.89
N GLY A 73 6.15 -8.70 -8.29
CA GLY A 73 5.61 -8.80 -9.63
C GLY A 73 6.22 -7.77 -10.54
N GLY A 74 5.42 -7.22 -11.44
CA GLY A 74 5.97 -6.38 -12.48
C GLY A 74 5.37 -5.00 -12.64
N ILE A 75 5.71 -4.41 -13.77
CA ILE A 75 5.37 -3.02 -14.10
C ILE A 75 5.04 -2.98 -15.58
N ASN A 76 3.93 -2.36 -15.92
CA ASN A 76 3.46 -2.34 -17.29
C ASN A 76 4.09 -1.21 -18.10
N ALA A 77 4.43 -1.53 -19.34
CA ALA A 77 4.80 -0.52 -20.34
C ALA A 77 4.64 -1.12 -21.73
N ALA A 78 4.10 -0.34 -22.67
CA ALA A 78 3.86 -0.86 -24.02
C ALA A 78 5.12 -0.72 -24.89
N LEU A 79 6.15 -1.47 -24.51
CA LEU A 79 7.39 -1.51 -25.29
C LEU A 79 7.22 -2.27 -26.61
N GLY A 80 6.26 -3.17 -26.68
CA GLY A 80 6.08 -3.95 -27.89
C GLY A 80 7.26 -4.86 -28.18
N ASN A 81 7.81 -5.50 -27.14
CA ASN A 81 8.95 -6.38 -27.36
C ASN A 81 8.54 -7.79 -27.77
N MET A 82 7.32 -8.21 -27.44
CA MET A 82 6.83 -9.54 -27.75
C MET A 82 5.85 -9.56 -28.92
N GLU A 83 5.21 -8.42 -29.19
CA GLU A 83 4.31 -8.27 -30.32
C GLU A 83 4.27 -6.79 -30.63
N GLU A 84 3.62 -6.43 -31.73
CA GLU A 84 3.33 -5.02 -31.97
C GLU A 84 2.36 -4.53 -30.90
N ASP A 85 2.69 -3.40 -30.29
CA ASP A 85 1.89 -2.82 -29.23
C ASP A 85 1.82 -1.31 -29.48
N ASN A 86 1.02 -0.65 -28.65
CA ASN A 86 0.79 0.79 -28.73
C ASN A 86 0.38 1.24 -27.35
N TRP A 87 1.06 2.24 -26.80
CA TRP A 87 0.71 2.66 -25.47
C TRP A 87 -0.74 3.13 -25.42
N ARG A 88 -1.32 3.56 -26.54
CA ARG A 88 -2.71 3.96 -26.52
C ARG A 88 -3.63 2.79 -26.21
N TRP A 89 -3.19 1.56 -26.49
CA TRP A 89 -3.99 0.39 -26.12
C TRP A 89 -3.91 0.14 -24.62
N HIS A 90 -2.77 0.46 -24.01
CA HIS A 90 -2.63 0.44 -22.56
C HIS A 90 -3.49 1.53 -21.90
N PHE A 91 -3.51 2.71 -22.52
CA PHE A 91 -4.45 3.74 -22.10
C PHE A 91 -5.87 3.22 -22.06
N TYR A 92 -6.30 2.57 -23.15
CA TYR A 92 -7.66 2.07 -23.25
C TYR A 92 -7.95 1.06 -22.14
N ASP A 93 -7.05 0.08 -21.96
CA ASP A 93 -7.26 -0.90 -20.92
C ASP A 93 -7.42 -0.24 -19.55
N THR A 94 -6.60 0.78 -19.27
CA THR A 94 -6.62 1.41 -17.96
C THR A 94 -7.89 2.22 -17.76
N VAL A 95 -8.34 2.92 -18.80
CA VAL A 95 -9.61 3.64 -18.71
C VAL A 95 -10.75 2.67 -18.44
N LYS A 96 -10.84 1.60 -19.23
CA LYS A 96 -11.92 0.64 -19.04
C LYS A 96 -11.86 0.02 -17.65
N GLY A 97 -10.65 -0.34 -17.19
CA GLY A 97 -10.52 -0.93 -15.87
C GLY A 97 -10.95 0.00 -14.76
N SER A 98 -10.75 1.30 -14.96
CA SER A 98 -11.16 2.31 -13.99
C SER A 98 -12.66 2.49 -13.90
N ASP A 99 -13.42 1.86 -14.80
CA ASP A 99 -14.88 1.97 -14.85
C ASP A 99 -15.35 3.41 -15.03
N TRP A 100 -14.53 4.18 -15.75
CA TRP A 100 -14.79 5.58 -16.12
C TRP A 100 -14.92 6.50 -14.92
N LEU A 101 -14.30 6.12 -13.81
CA LEU A 101 -13.92 7.03 -12.75
C LEU A 101 -12.49 7.52 -12.90
N GLY A 102 -11.71 6.91 -13.80
CA GLY A 102 -10.34 7.35 -14.02
C GLY A 102 -10.31 8.64 -14.83
N ASP A 103 -9.37 9.48 -14.50
CA ASP A 103 -9.16 10.73 -15.23
C ASP A 103 -8.28 10.48 -16.45
N GLN A 104 -8.85 10.68 -17.63
CA GLN A 104 -8.17 10.21 -18.84
C GLN A 104 -6.95 11.05 -19.17
N ASP A 105 -6.84 12.28 -18.65
CA ASP A 105 -5.62 13.04 -18.90
C ASP A 105 -4.44 12.44 -18.14
N ALA A 106 -4.65 12.05 -16.89
CA ALA A 106 -3.62 11.36 -16.12
C ALA A 106 -3.32 9.99 -16.70
N ILE A 107 -4.34 9.26 -17.18
CA ILE A 107 -4.08 7.95 -17.75
C ILE A 107 -3.32 8.06 -19.07
N HIS A 108 -3.67 9.05 -19.89
CA HIS A 108 -2.87 9.39 -21.06
C HIS A 108 -1.42 9.65 -20.69
N TYR A 109 -1.20 10.53 -19.71
CA TYR A 109 0.16 10.85 -19.31
C TYR A 109 0.93 9.62 -18.88
N MET A 110 0.30 8.80 -18.05
CA MET A 110 1.00 7.65 -17.47
C MET A 110 1.33 6.61 -18.53
N THR A 111 0.37 6.27 -19.38
CA THR A 111 0.65 5.21 -20.35
C THR A 111 1.58 5.66 -21.46
N GLU A 112 1.53 6.95 -21.85
N GLU A 112 1.53 6.94 -21.86
CA GLU A 112 2.46 7.44 -22.85
CA GLU A 112 2.47 7.42 -22.86
C GLU A 112 3.88 7.48 -22.32
C GLU A 112 3.89 7.46 -22.32
N GLN A 113 4.05 7.75 -21.02
CA GLN A 113 5.38 7.83 -20.44
C GLN A 113 5.96 6.46 -20.10
N ALA A 114 5.12 5.44 -19.93
CA ALA A 114 5.61 4.18 -19.36
C ALA A 114 6.75 3.55 -20.16
N PRO A 115 6.71 3.50 -21.49
CA PRO A 115 7.83 2.88 -22.22
C PRO A 115 9.16 3.53 -21.91
N ALA A 116 9.21 4.86 -21.94
CA ALA A 116 10.45 5.57 -21.62
C ALA A 116 10.81 5.40 -20.15
N ALA A 117 9.81 5.39 -19.27
CA ALA A 117 10.08 5.25 -17.84
C ALA A 117 10.81 3.94 -17.56
N VAL A 118 10.33 2.84 -18.15
CA VAL A 118 10.95 1.54 -17.89
C VAL A 118 12.35 1.48 -18.49
N VAL A 119 12.53 2.01 -19.68
CA VAL A 119 13.86 2.01 -20.28
C VAL A 119 14.81 2.88 -19.46
N GLU A 120 14.31 4.00 -18.92
CA GLU A 120 15.14 4.83 -18.06
C GLU A 120 15.55 4.09 -16.80
N LEU A 121 14.62 3.37 -16.19
CA LEU A 121 14.93 2.59 -14.99
C LEU A 121 16.00 1.54 -15.28
N GLU A 122 15.91 0.88 -16.44
CA GLU A 122 16.94 -0.07 -16.83
C GLU A 122 18.29 0.63 -16.99
N ASN A 123 18.28 1.82 -17.59
CA ASN A 123 19.51 2.59 -17.74
C ASN A 123 20.08 2.99 -16.39
N TYR A 124 19.22 3.24 -15.40
CA TYR A 124 19.69 3.59 -14.06
C TYR A 124 20.31 2.40 -13.35
N GLY A 125 20.03 1.19 -13.81
CA GLY A 125 20.66 0.01 -13.26
C GLY A 125 19.73 -1.12 -12.86
N MET A 126 18.44 -0.97 -13.10
CA MET A 126 17.50 -2.04 -12.76
C MET A 126 17.66 -3.17 -13.77
N PRO A 127 18.05 -4.36 -13.35
CA PRO A 127 18.31 -5.44 -14.33
C PRO A 127 17.04 -6.17 -14.75
N PHE A 128 16.21 -5.47 -15.52
CA PHE A 128 15.01 -6.10 -16.07
C PHE A 128 15.38 -7.37 -16.82
N SER A 129 14.55 -8.40 -16.66
CA SER A 129 14.80 -9.65 -17.37
C SER A 129 14.70 -9.42 -18.87
N ARG A 130 15.37 -10.28 -19.64
CA ARG A 130 15.56 -10.06 -21.06
C ARG A 130 15.13 -11.27 -21.89
N THR A 131 14.61 -10.98 -23.08
CA THR A 131 14.40 -12.00 -24.09
C THR A 131 15.74 -12.52 -24.63
N GLU A 132 15.69 -13.65 -25.32
CA GLU A 132 16.90 -14.18 -25.92
C GLU A 132 17.54 -13.18 -26.88
N ASP A 133 16.75 -12.27 -27.48
CA ASP A 133 17.32 -11.28 -28.38
C ASP A 133 17.53 -9.92 -27.71
N GLY A 134 17.62 -9.88 -26.38
CA GLY A 134 18.14 -8.71 -25.70
C GLY A 134 17.12 -7.66 -25.31
N LYS A 135 15.86 -7.83 -25.66
CA LYS A 135 14.84 -6.87 -25.27
C LYS A 135 14.35 -7.18 -23.86
N ILE A 136 13.72 -6.19 -23.22
CA ILE A 136 13.07 -6.43 -21.94
C ILE A 136 11.93 -7.43 -22.15
N TYR A 137 11.99 -8.53 -21.43
CA TYR A 137 10.96 -9.54 -21.53
C TYR A 137 9.64 -9.01 -20.97
N GLN A 138 8.53 -9.38 -21.61
CA GLN A 138 7.23 -8.93 -21.13
C GLN A 138 6.22 -10.07 -21.06
N ARG A 139 5.39 -10.01 -20.02
CA ARG A 139 4.33 -10.98 -19.76
C ARG A 139 2.95 -10.35 -19.97
N ALA A 140 2.00 -11.20 -20.36
CA ALA A 140 0.59 -10.84 -20.28
C ALA A 140 0.17 -10.74 -18.82
N PHE A 141 -0.66 -9.75 -18.51
CA PHE A 141 -1.07 -9.54 -17.14
C PHE A 141 -2.18 -8.52 -17.10
N GLY A 142 -3.01 -8.59 -16.06
CA GLY A 142 -3.95 -7.53 -15.77
C GLY A 142 -5.07 -7.39 -16.77
N GLY A 143 -5.32 -8.43 -17.57
CA GLY A 143 -6.36 -8.34 -18.57
C GLY A 143 -6.07 -7.42 -19.74
N GLN A 144 -4.80 -7.11 -19.96
CA GLN A 144 -4.42 -6.13 -20.98
C GLN A 144 -4.55 -6.69 -22.39
N SER A 145 -4.91 -5.81 -23.33
CA SER A 145 -5.34 -6.23 -24.64
C SER A 145 -4.67 -5.39 -25.71
N LEU A 146 -4.62 -5.96 -26.91
CA LEU A 146 -4.19 -5.26 -28.11
C LEU A 146 -5.40 -4.68 -28.83
N LYS A 147 -5.16 -3.63 -29.61
CA LYS A 147 -6.14 -3.10 -30.57
C LYS A 147 -7.44 -2.67 -29.87
N PHE A 148 -7.30 -1.93 -28.78
CA PHE A 148 -8.46 -1.35 -28.07
C PHE A 148 -9.47 -2.44 -27.71
N GLY A 149 -8.97 -3.51 -27.12
CA GLY A 149 -9.79 -4.60 -26.65
C GLY A 149 -10.19 -5.62 -27.69
N LYS A 150 -9.79 -5.44 -28.95
CA LYS A 150 -10.24 -6.31 -30.03
C LYS A 150 -9.18 -7.31 -30.50
N GLY A 151 -7.94 -7.24 -30.01
CA GLY A 151 -6.87 -7.97 -30.65
C GLY A 151 -6.14 -9.03 -29.84
N GLY A 152 -6.72 -9.51 -28.76
CA GLY A 152 -6.05 -10.53 -27.97
C GLY A 152 -5.16 -9.95 -26.88
N GLN A 153 -4.47 -10.84 -26.17
CA GLN A 153 -3.70 -10.47 -25.00
C GLN A 153 -2.46 -9.66 -25.37
N ALA A 154 -2.23 -8.59 -24.62
CA ALA A 154 -1.01 -7.81 -24.75
C ALA A 154 0.01 -8.29 -23.73
N HIS A 155 1.28 -8.17 -24.07
CA HIS A 155 2.38 -8.56 -23.19
C HIS A 155 3.10 -7.26 -22.83
N ARG A 156 2.71 -6.66 -21.69
CA ARG A 156 3.28 -5.40 -21.26
C ARG A 156 4.06 -5.47 -19.95
N CYS A 157 3.98 -6.58 -19.22
CA CYS A 157 4.40 -6.58 -17.83
C CYS A 157 5.88 -6.96 -17.73
N CYS A 158 6.69 -6.04 -17.23
CA CYS A 158 8.14 -6.19 -17.15
C CYS A 158 8.56 -6.42 -15.70
N CYS A 159 9.66 -7.14 -15.48
CA CYS A 159 10.08 -7.41 -14.10
C CYS A 159 11.59 -7.60 -13.99
N VAL A 160 12.06 -7.50 -12.74
CA VAL A 160 13.43 -7.76 -12.35
C VAL A 160 13.41 -9.03 -11.50
N ALA A 161 13.73 -10.17 -12.09
CA ALA A 161 13.82 -11.44 -11.36
C ALA A 161 12.57 -11.58 -10.50
N ASP A 162 12.68 -11.82 -9.20
CA ASP A 162 11.54 -11.88 -8.29
C ASP A 162 11.55 -10.71 -7.31
N ARG A 163 12.04 -9.55 -7.74
CA ARG A 163 12.27 -8.45 -6.81
C ARG A 163 12.18 -7.08 -7.47
N THR A 164 11.21 -6.89 -8.37
CA THR A 164 11.11 -5.60 -9.04
C THR A 164 11.03 -4.44 -8.05
N GLY A 165 10.18 -4.57 -7.02
CA GLY A 165 10.04 -3.48 -6.05
C GLY A 165 11.34 -3.20 -5.33
N HIS A 166 12.00 -4.25 -4.82
CA HIS A 166 13.28 -4.01 -4.16
C HIS A 166 14.28 -3.34 -5.11
N SER A 167 14.39 -3.84 -6.35
CA SER A 167 15.33 -3.27 -7.31
C SER A 167 15.04 -1.79 -7.53
N LEU A 168 13.75 -1.44 -7.63
CA LEU A 168 13.37 -0.05 -7.80
C LEU A 168 13.85 0.80 -6.63
N LEU A 169 13.61 0.34 -5.40
CA LEU A 169 14.02 1.09 -4.21
C LEU A 169 15.53 1.22 -4.14
N HIS A 170 16.24 0.10 -4.29
CA HIS A 170 17.69 0.10 -4.18
C HIS A 170 18.32 1.04 -5.20
N THR A 171 17.84 0.98 -6.45
CA THR A 171 18.39 1.77 -7.55
C THR A 171 18.12 3.25 -7.34
N LEU A 172 16.87 3.61 -7.01
CA LEU A 172 16.54 5.01 -6.87
C LEU A 172 17.15 5.60 -5.60
N TYR A 173 17.13 4.86 -4.49
CA TYR A 173 17.79 5.33 -3.28
C TYR A 173 19.28 5.54 -3.52
N GLY A 174 19.95 4.54 -4.07
CA GLY A 174 21.37 4.67 -4.32
C GLY A 174 21.72 5.82 -5.23
N ARG A 175 20.93 5.99 -6.30
CA ARG A 175 21.21 7.07 -7.24
C ARG A 175 20.96 8.44 -6.62
N SER A 176 19.92 8.55 -5.79
CA SER A 176 19.63 9.81 -5.14
C SER A 176 20.79 10.28 -4.28
N LEU A 177 21.52 9.35 -3.68
CA LEU A 177 22.64 9.74 -2.82
C LEU A 177 23.77 10.37 -3.62
N ARG A 178 23.94 9.97 -4.88
CA ARG A 178 24.98 10.58 -5.71
C ARG A 178 24.69 12.06 -5.96
N TYR A 179 23.44 12.49 -5.78
CA TYR A 179 23.08 13.90 -5.97
C TYR A 179 22.76 14.59 -4.65
N ASP A 180 23.23 14.02 -3.54
CA ASP A 180 23.23 14.67 -2.23
C ASP A 180 21.83 14.88 -1.67
N THR A 181 20.89 14.00 -2.01
CA THR A 181 19.58 14.01 -1.35
C THR A 181 19.81 13.84 0.14
N SER A 182 19.15 14.66 0.95
CA SER A 182 19.27 14.59 2.40
C SER A 182 18.15 13.76 2.99
N TYR A 183 18.50 12.63 3.62
CA TYR A 183 17.50 11.74 4.20
C TYR A 183 17.35 11.95 5.69
N PHE A 184 16.12 12.01 6.14
CA PHE A 184 15.70 12.02 7.53
C PHE A 184 15.07 10.66 7.77
N VAL A 185 15.90 9.68 8.18
CA VAL A 185 15.47 8.29 8.28
C VAL A 185 14.92 8.02 9.67
N GLU A 186 13.79 7.30 9.71
CA GLU A 186 13.04 7.04 10.93
C GLU A 186 12.63 8.35 11.58
N TYR A 187 12.10 9.24 10.73
CA TYR A 187 11.40 10.44 11.16
C TYR A 187 9.94 10.29 10.76
N PHE A 188 9.04 10.67 11.67
CA PHE A 188 7.61 10.48 11.51
C PHE A 188 6.99 11.85 11.24
N ALA A 189 6.53 12.08 10.02
CA ALA A 189 5.86 13.33 9.68
C ALA A 189 4.53 13.42 10.39
N LEU A 190 4.31 14.56 11.05
CA LEU A 190 3.13 14.78 11.88
C LEU A 190 2.07 15.62 11.17
N ASP A 191 2.50 16.64 10.44
CA ASP A 191 1.57 17.55 9.79
C ASP A 191 2.30 18.34 8.72
N LEU A 192 1.52 18.90 7.82
CA LEU A 192 2.04 19.90 6.91
C LEU A 192 2.15 21.23 7.64
N LEU A 193 3.11 22.05 7.20
CA LEU A 193 3.22 23.42 7.64
C LEU A 193 2.48 24.31 6.64
N MET A 194 1.19 24.50 6.85
CA MET A 194 0.37 25.32 5.98
C MET A 194 0.34 26.76 6.49
N GLU A 195 0.36 27.70 5.56
CA GLU A 195 0.10 29.09 5.93
C GLU A 195 -0.65 29.72 4.77
N ASN A 196 -1.83 30.28 5.09
CA ASN A 196 -2.64 31.06 4.16
C ASN A 196 -2.72 30.37 2.81
N GLY A 197 -3.13 29.11 2.86
CA GLY A 197 -3.46 28.31 1.70
C GLY A 197 -2.30 27.71 0.94
N GLU A 198 -1.07 27.84 1.44
CA GLU A 198 0.10 27.30 0.76
C GLU A 198 0.86 26.39 1.71
N CYS A 199 1.46 25.35 1.15
CA CYS A 199 2.29 24.45 1.93
C CYS A 199 3.71 24.98 1.99
N ARG A 200 4.27 25.04 3.20
CA ARG A 200 5.60 25.57 3.42
C ARG A 200 6.55 24.55 4.01
N GLY A 201 6.14 23.29 4.02
CA GLY A 201 6.98 22.20 4.51
C GLY A 201 6.23 21.24 5.41
N VAL A 202 6.99 20.54 6.27
N VAL A 202 6.99 20.58 6.29
CA VAL A 202 6.42 19.51 7.13
CA VAL A 202 6.48 19.52 7.13
C VAL A 202 7.09 19.59 8.50
C VAL A 202 7.08 19.64 8.52
N ILE A 203 6.35 19.16 9.52
CA ILE A 203 6.86 19.04 10.88
C ILE A 203 6.89 17.55 11.22
N ALA A 204 8.02 17.09 11.74
CA ALA A 204 8.26 15.67 11.92
C ALA A 204 8.93 15.41 13.26
N LEU A 205 8.75 14.18 13.71
CA LEU A 205 9.32 13.65 14.93
C LEU A 205 10.51 12.77 14.60
N CYS A 206 11.66 13.04 15.21
CA CYS A 206 12.78 12.11 15.16
C CYS A 206 12.49 10.98 16.13
N ILE A 207 12.26 9.77 15.60
CA ILE A 207 11.85 8.66 16.44
C ILE A 207 12.98 8.26 17.38
N GLU A 208 14.23 8.44 16.96
CA GLU A 208 15.34 8.00 17.78
C GLU A 208 15.45 8.81 19.07
N ASP A 209 15.28 10.14 19.00
CA ASP A 209 15.57 10.97 20.18
C ASP A 209 14.45 11.91 20.60
N GLY A 210 13.32 11.90 19.93
CA GLY A 210 12.18 12.66 20.36
C GLY A 210 12.20 14.12 20.00
N SER A 211 13.18 14.57 19.23
CA SER A 211 13.23 15.97 18.85
C SER A 211 12.24 16.23 17.72
N ILE A 212 11.81 17.48 17.65
CA ILE A 212 10.81 17.95 16.70
C ILE A 212 11.54 18.76 15.64
N HIS A 213 11.29 18.45 14.38
CA HIS A 213 11.97 19.09 13.26
C HIS A 213 10.95 19.74 12.35
N ARG A 214 11.11 21.04 12.13
CA ARG A 214 10.28 21.77 11.18
C ARG A 214 11.10 21.93 9.91
N ILE A 215 10.70 21.23 8.87
CA ILE A 215 11.44 21.22 7.61
C ILE A 215 10.68 22.11 6.64
N ARG A 216 11.20 23.33 6.47
CA ARG A 216 10.65 24.33 5.58
C ARG A 216 11.11 24.09 4.16
N ALA A 217 10.21 24.30 3.20
CA ALA A 217 10.57 24.14 1.79
C ALA A 217 9.54 24.84 0.94
N LYS A 218 9.97 25.26 -0.26
CA LYS A 218 9.05 25.89 -1.19
C LYS A 218 8.06 24.89 -1.76
N ASN A 219 8.43 23.61 -1.85
CA ASN A 219 7.55 22.58 -2.36
C ASN A 219 7.66 21.31 -1.51
N THR A 220 6.52 20.69 -1.27
CA THR A 220 6.39 19.49 -0.45
C THR A 220 5.68 18.42 -1.27
N VAL A 221 6.23 17.21 -1.26
CA VAL A 221 5.68 16.07 -1.99
C VAL A 221 5.26 15.01 -0.97
N VAL A 222 3.98 14.63 -0.97
CA VAL A 222 3.47 13.62 -0.06
C VAL A 222 3.39 12.30 -0.83
N ALA A 223 4.19 11.33 -0.42
CA ALA A 223 4.28 10.04 -1.09
C ALA A 223 4.32 8.93 -0.05
N THR A 224 3.28 8.90 0.80
CA THR A 224 3.32 8.12 2.04
C THR A 224 2.68 6.74 1.94
N GLY A 225 2.20 6.33 0.78
CA GLY A 225 1.63 5.00 0.64
C GLY A 225 0.14 4.93 1.00
N GLY A 226 -0.32 3.71 1.30
CA GLY A 226 -1.73 3.44 1.48
C GLY A 226 -2.19 3.45 2.93
N TYR A 227 -3.41 2.98 3.15
CA TYR A 227 -3.99 2.92 4.49
C TYR A 227 -4.68 1.58 4.72
N GLY A 228 -4.07 0.51 4.23
CA GLY A 228 -4.70 -0.81 4.33
C GLY A 228 -4.97 -1.24 5.76
N ARG A 229 -4.12 -0.83 6.70
CA ARG A 229 -4.28 -1.29 8.07
C ARG A 229 -5.50 -0.69 8.78
N THR A 230 -6.35 0.10 8.10
CA THR A 230 -7.66 0.41 8.64
C THR A 230 -8.53 -0.85 8.74
N TYR A 231 -8.20 -1.89 7.99
CA TYR A 231 -8.96 -3.14 7.98
C TYR A 231 -8.24 -4.24 8.73
N PHE A 232 -9.04 -5.23 9.13
CA PHE A 232 -8.52 -6.38 9.83
C PHE A 232 -7.66 -7.25 8.93
N SER A 233 -7.95 -7.30 7.62
CA SER A 233 -7.19 -8.12 6.71
C SER A 233 -6.72 -7.27 5.54
N CYS A 234 -5.40 -7.12 5.41
CA CYS A 234 -4.83 -6.38 4.29
C CYS A 234 -3.47 -6.98 3.98
N THR A 235 -3.01 -6.74 2.75
CA THR A 235 -1.75 -7.25 2.27
C THR A 235 -0.61 -6.30 2.59
N SER A 236 -0.90 -5.18 3.27
CA SER A 236 0.09 -4.14 3.47
C SER A 236 1.06 -4.52 4.59
N ALA A 237 2.28 -4.00 4.49
CA ALA A 237 3.12 -3.96 5.67
C ALA A 237 2.40 -3.20 6.78
N HIS A 238 2.87 -3.39 8.01
CA HIS A 238 2.23 -2.77 9.17
C HIS A 238 2.60 -1.28 9.27
N THR A 239 3.22 -0.75 8.25
CA THR A 239 3.54 0.65 8.12
C THR A 239 2.49 1.43 7.32
N SER A 240 1.49 0.73 6.76
N SER A 240 1.52 0.75 6.72
CA SER A 240 0.52 1.33 5.84
CA SER A 240 0.59 1.42 5.79
C SER A 240 -0.64 1.95 6.62
C SER A 240 -0.60 1.95 6.59
N THR A 241 -0.41 3.14 7.16
CA THR A 241 -1.33 3.70 8.15
C THR A 241 -1.92 5.04 7.72
N GLY A 242 -1.79 5.41 6.46
CA GLY A 242 -2.50 6.57 5.95
C GLY A 242 -2.00 7.89 6.49
N ASP A 243 -0.71 7.98 6.80
CA ASP A 243 -0.22 9.13 7.55
C ASP A 243 -0.29 10.41 6.72
N GLY A 244 0.04 10.33 5.44
CA GLY A 244 0.00 11.52 4.60
C GLY A 244 -1.42 11.93 4.25
N THR A 245 -2.28 10.93 4.05
CA THR A 245 -3.71 11.14 3.91
C THR A 245 -4.25 11.95 5.07
N ALA A 246 -3.87 11.54 6.28
CA ALA A 246 -4.32 12.21 7.48
C ALA A 246 -3.75 13.62 7.60
N MET A 247 -2.50 13.83 7.16
CA MET A 247 -1.95 15.19 7.20
C MET A 247 -2.78 16.10 6.31
N ILE A 248 -3.18 15.59 5.16
CA ILE A 248 -4.04 16.34 4.24
C ILE A 248 -5.36 16.67 4.91
N THR A 249 -5.98 15.66 5.54
CA THR A 249 -7.24 15.89 6.23
C THR A 249 -7.09 16.93 7.33
N ARG A 250 -6.03 16.86 8.10
CA ARG A 250 -5.82 17.84 9.17
C ARG A 250 -5.58 19.24 8.64
N ALA A 251 -5.11 19.37 7.39
CA ALA A 251 -5.00 20.67 6.75
C ALA A 251 -6.32 21.19 6.21
N GLY A 252 -7.40 20.45 6.38
CA GLY A 252 -8.67 20.87 5.85
C GLY A 252 -8.80 20.68 4.36
N LEU A 253 -7.93 19.89 3.77
CA LEU A 253 -7.94 19.60 2.35
C LEU A 253 -8.73 18.32 2.11
N PRO A 254 -9.26 18.16 0.92
CA PRO A 254 -10.06 16.96 0.65
C PRO A 254 -9.21 15.74 0.37
N CYS A 255 -9.72 14.59 0.76
CA CYS A 255 -9.28 13.32 0.20
C CYS A 255 -10.29 12.91 -0.84
N GLN A 256 -9.92 11.96 -1.70
CA GLN A 256 -10.74 11.61 -2.86
C GLN A 256 -10.90 10.11 -3.03
N ASP A 257 -12.15 9.70 -3.26
CA ASP A 257 -12.47 8.33 -3.67
C ASP A 257 -11.98 7.30 -2.65
N LEU A 258 -11.98 7.67 -1.36
CA LEU A 258 -11.43 6.76 -0.36
C LEU A 258 -12.28 5.50 -0.19
N GLU A 259 -13.53 5.51 -0.65
CA GLU A 259 -14.34 4.32 -0.55
C GLU A 259 -13.94 3.25 -1.55
N PHE A 260 -13.10 3.60 -2.53
CA PHE A 260 -12.73 2.64 -3.58
C PHE A 260 -11.49 1.87 -3.14
N VAL A 261 -11.72 0.68 -2.61
CA VAL A 261 -10.71 -0.16 -1.98
C VAL A 261 -10.74 -1.52 -2.68
N GLN A 262 -9.60 -1.97 -3.16
CA GLN A 262 -9.53 -3.21 -3.92
C GLN A 262 -9.23 -4.37 -3.01
N PHE A 263 -10.05 -5.41 -3.07
CA PHE A 263 -9.94 -6.60 -2.23
C PHE A 263 -9.64 -7.84 -3.07
N HIS A 264 -8.98 -8.80 -2.46
CA HIS A 264 -8.84 -10.16 -2.95
C HIS A 264 -9.58 -11.10 -2.01
N PRO A 265 -10.26 -12.15 -2.53
CA PRO A 265 -11.14 -12.93 -1.64
C PRO A 265 -10.43 -13.84 -0.67
N THR A 266 -9.19 -14.30 -0.95
CA THR A 266 -8.63 -15.38 -0.14
C THR A 266 -7.27 -14.99 0.45
N GLY A 267 -7.32 -14.10 1.43
CA GLY A 267 -6.16 -13.83 2.25
C GLY A 267 -6.18 -14.69 3.49
N ILE A 268 -5.00 -15.08 3.98
CA ILE A 268 -4.98 -15.83 5.21
C ILE A 268 -5.55 -14.99 6.34
N TYR A 269 -6.44 -15.58 7.13
CA TYR A 269 -7.07 -14.90 8.25
C TYR A 269 -6.05 -14.24 9.17
N GLY A 270 -6.29 -12.96 9.45
CA GLY A 270 -5.41 -12.15 10.29
C GLY A 270 -4.15 -11.67 9.61
N ALA A 271 -3.40 -12.59 9.00
CA ALA A 271 -2.12 -12.27 8.39
C ALA A 271 -2.30 -11.41 7.15
N GLY A 272 -3.33 -11.69 6.34
CA GLY A 272 -3.55 -10.95 5.12
C GLY A 272 -2.73 -11.40 3.93
N CYS A 273 -1.89 -12.40 4.09
CA CYS A 273 -1.16 -13.01 2.99
C CYS A 273 -2.13 -13.59 1.97
N LEU A 274 -2.10 -13.12 0.72
CA LEU A 274 -3.03 -13.63 -0.28
C LEU A 274 -2.62 -15.01 -0.75
N ILE A 275 -3.58 -15.92 -0.81
CA ILE A 275 -3.39 -17.26 -1.39
C ILE A 275 -3.86 -17.21 -2.85
N THR A 276 -3.02 -17.71 -3.77
CA THR A 276 -3.31 -17.57 -5.19
C THR A 276 -4.60 -18.30 -5.56
N GLU A 277 -5.35 -17.70 -6.50
CA GLU A 277 -6.49 -18.38 -7.09
C GLU A 277 -6.08 -19.69 -7.75
N GLY A 278 -4.78 -19.90 -8.00
CA GLY A 278 -4.34 -21.19 -8.51
C GLY A 278 -4.76 -22.34 -7.62
N CYS A 279 -4.88 -22.11 -6.32
CA CYS A 279 -5.34 -23.16 -5.42
C CYS A 279 -6.75 -23.61 -5.80
N ARG A 280 -7.60 -22.66 -6.17
CA ARG A 280 -8.94 -23.03 -6.62
C ARG A 280 -8.93 -23.54 -8.05
N GLY A 281 -8.03 -23.02 -8.90
CA GLY A 281 -7.91 -23.55 -10.25
C GLY A 281 -7.49 -25.00 -10.28
N GLU A 282 -6.74 -25.45 -9.28
CA GLU A 282 -6.36 -26.84 -9.17
C GLU A 282 -7.42 -27.71 -8.49
N GLY A 283 -8.51 -27.12 -8.00
CA GLY A 283 -9.58 -27.89 -7.38
C GLY A 283 -9.83 -27.55 -5.92
N GLY A 284 -9.08 -26.63 -5.34
CA GLY A 284 -9.39 -26.19 -3.99
C GLY A 284 -10.76 -25.54 -3.95
N ILE A 285 -11.45 -25.73 -2.82
CA ILE A 285 -12.82 -25.24 -2.66
C ILE A 285 -12.99 -24.49 -1.35
N LEU A 286 -13.92 -23.54 -1.34
CA LEU A 286 -14.25 -22.78 -0.14
C LEU A 286 -15.36 -23.50 0.61
N ILE A 287 -15.21 -23.60 1.94
CA ILE A 287 -16.10 -24.37 2.79
C ILE A 287 -16.55 -23.48 3.96
N ASN A 288 -17.80 -23.62 4.37
CA ASN A 288 -18.28 -22.89 5.54
C ASN A 288 -18.30 -23.82 6.77
N SER A 289 -18.87 -23.35 7.87
CA SER A 289 -18.81 -24.12 9.11
C SER A 289 -19.66 -25.38 9.05
N GLN A 290 -20.56 -25.50 8.07
CA GLN A 290 -21.38 -26.68 7.90
C GLN A 290 -20.78 -27.65 6.90
N GLY A 291 -19.55 -27.40 6.45
CA GLY A 291 -18.88 -28.29 5.51
C GLY A 291 -19.34 -28.15 4.08
N GLU A 292 -20.09 -27.09 3.76
CA GLU A 292 -20.71 -26.92 2.45
C GLU A 292 -19.80 -26.15 1.51
N ARG A 293 -19.74 -26.61 0.25
CA ARG A 293 -19.10 -25.87 -0.84
C ARG A 293 -20.08 -24.80 -1.29
N PHE A 294 -20.07 -23.69 -0.56
CA PHE A 294 -21.15 -22.72 -0.72
C PHE A 294 -21.11 -21.97 -2.04
N MET A 295 -19.96 -21.92 -2.72
CA MET A 295 -19.93 -21.13 -3.94
C MET A 295 -20.84 -21.72 -5.03
N GLU A 296 -21.20 -23.00 -4.93
CA GLU A 296 -22.16 -23.59 -5.87
C GLU A 296 -23.52 -22.91 -5.77
N ARG A 297 -23.86 -22.37 -4.60
CA ARG A 297 -25.13 -21.66 -4.44
C ARG A 297 -25.10 -20.24 -4.95
N TYR A 298 -23.93 -19.61 -5.03
CA TYR A 298 -23.84 -18.23 -5.50
C TYR A 298 -23.35 -18.11 -6.94
N ALA A 299 -22.67 -19.14 -7.45
CA ALA A 299 -22.06 -19.09 -8.77
C ALA A 299 -22.09 -20.50 -9.32
N PRO A 300 -23.26 -20.95 -9.81
CA PRO A 300 -23.44 -22.37 -10.10
C PRO A 300 -22.52 -22.89 -11.19
N VAL A 301 -22.04 -22.02 -12.07
CA VAL A 301 -21.15 -22.41 -13.15
C VAL A 301 -19.69 -22.21 -12.75
N ALA A 302 -19.34 -20.99 -12.32
CA ALA A 302 -17.95 -20.65 -12.02
C ALA A 302 -17.51 -21.16 -10.66
N LYS A 303 -18.45 -21.40 -9.75
CA LYS A 303 -18.18 -21.86 -8.39
C LYS A 303 -17.02 -21.09 -7.77
N ASP A 304 -15.99 -21.79 -7.29
CA ASP A 304 -14.91 -21.13 -6.56
C ASP A 304 -14.00 -20.31 -7.45
N LEU A 305 -14.19 -20.36 -8.77
CA LEU A 305 -13.48 -19.49 -9.71
C LEU A 305 -14.37 -18.37 -10.24
N ALA A 306 -15.44 -18.03 -9.54
CA ALA A 306 -16.15 -16.78 -9.82
C ALA A 306 -15.23 -15.57 -9.62
N SER A 307 -15.70 -14.42 -10.09
CA SER A 307 -14.89 -13.21 -9.98
C SER A 307 -14.60 -12.88 -8.53
N ARG A 308 -13.48 -12.18 -8.31
N ARG A 308 -13.53 -12.12 -8.31
CA ARG A 308 -13.02 -11.82 -6.98
CA ARG A 308 -13.05 -11.90 -6.94
C ARG A 308 -14.18 -11.35 -6.11
C ARG A 308 -14.13 -11.28 -6.06
N ASP A 309 -14.87 -10.30 -6.57
CA ASP A 309 -15.83 -9.64 -5.69
C ASP A 309 -17.07 -10.50 -5.48
N VAL A 310 -17.41 -11.36 -6.43
CA VAL A 310 -18.48 -12.32 -6.23
C VAL A 310 -18.10 -13.30 -5.12
N VAL A 311 -16.86 -13.80 -5.16
CA VAL A 311 -16.41 -14.71 -4.12
C VAL A 311 -16.41 -14.02 -2.76
N SER A 312 -15.85 -12.80 -2.71
CA SER A 312 -15.78 -12.07 -1.44
C SER A 312 -17.16 -11.81 -0.87
N ARG A 313 -18.11 -11.36 -1.71
CA ARG A 313 -19.47 -11.14 -1.21
C ARG A 313 -20.11 -12.42 -0.73
N SER A 314 -19.87 -13.55 -1.43
CA SER A 314 -20.43 -14.82 -1.02
C SER A 314 -19.89 -15.24 0.34
N MET A 315 -18.56 -15.15 0.51
CA MET A 315 -17.98 -15.43 1.82
C MET A 315 -18.62 -14.59 2.91
N THR A 316 -18.85 -13.31 2.62
CA THR A 316 -19.37 -12.42 3.65
C THR A 316 -20.78 -12.80 4.03
N LEU A 317 -21.63 -13.14 3.05
CA LEU A 317 -22.98 -13.58 3.36
C LEU A 317 -22.95 -14.81 4.27
N GLU A 318 -22.06 -15.76 3.98
CA GLU A 318 -21.94 -16.95 4.81
C GLU A 318 -21.62 -16.57 6.24
N ILE A 319 -20.64 -15.69 6.41
CA ILE A 319 -20.22 -15.25 7.75
C ILE A 319 -21.34 -14.50 8.43
N ARG A 320 -22.01 -13.59 7.71
CA ARG A 320 -23.07 -12.81 8.32
C ARG A 320 -24.22 -13.68 8.79
N GLU A 321 -24.49 -14.80 8.12
CA GLU A 321 -25.60 -15.65 8.49
C GLU A 321 -25.22 -16.72 9.51
N GLY A 322 -24.04 -16.62 10.09
CA GLY A 322 -23.65 -17.51 11.16
C GLY A 322 -22.97 -18.79 10.73
N ARG A 323 -22.50 -18.88 9.48
CA ARG A 323 -21.83 -20.08 8.97
C ARG A 323 -20.33 -19.85 8.81
N GLY A 324 -19.81 -18.85 9.50
CA GLY A 324 -18.38 -18.64 9.52
C GLY A 324 -17.66 -19.63 10.40
N CYS A 325 -16.36 -19.77 10.13
CA CYS A 325 -15.51 -20.77 10.77
C CYS A 325 -14.63 -20.14 11.83
N GLY A 326 -14.09 -21.01 12.68
CA GLY A 326 -13.19 -20.60 13.74
C GLY A 326 -13.94 -20.20 15.00
N PRO A 327 -13.20 -19.95 16.07
CA PRO A 327 -13.86 -19.62 17.35
C PRO A 327 -14.71 -18.36 17.33
N GLU A 328 -14.40 -17.41 16.44
CA GLU A 328 -15.20 -16.20 16.33
C GLU A 328 -16.11 -16.24 15.10
N LYS A 329 -16.13 -17.37 14.39
CA LYS A 329 -17.02 -17.57 13.25
C LYS A 329 -16.95 -16.39 12.28
N ASP A 330 -15.71 -15.99 11.96
CA ASP A 330 -15.45 -14.76 11.23
C ASP A 330 -14.59 -14.97 9.99
N HIS A 331 -14.46 -16.21 9.51
CA HIS A 331 -13.74 -16.47 8.28
C HIS A 331 -14.37 -17.72 7.66
N VAL A 332 -13.84 -18.15 6.52
CA VAL A 332 -14.21 -19.42 5.96
C VAL A 332 -12.94 -20.22 5.71
N TYR A 333 -13.10 -21.40 5.13
CA TYR A 333 -11.99 -22.32 4.92
C TYR A 333 -11.71 -22.51 3.44
N LEU A 334 -10.42 -22.50 3.08
CA LEU A 334 -9.97 -22.91 1.76
C LEU A 334 -9.42 -24.33 1.90
N GLN A 335 -10.15 -25.29 1.35
CA GLN A 335 -9.86 -26.69 1.50
C GLN A 335 -9.06 -27.20 0.31
N LEU A 336 -7.86 -27.69 0.58
CA LEU A 336 -6.99 -28.32 -0.42
C LEU A 336 -6.75 -29.79 -0.14
N HIS A 337 -7.19 -30.32 0.99
CA HIS A 337 -6.68 -31.62 1.43
C HIS A 337 -7.34 -32.79 0.73
N HIS A 338 -8.40 -32.57 -0.04
CA HIS A 338 -8.92 -33.61 -0.92
C HIS A 338 -8.12 -33.76 -2.20
N LEU A 339 -7.16 -32.85 -2.47
CA LEU A 339 -6.35 -32.92 -3.67
C LEU A 339 -5.15 -33.83 -3.42
N PRO A 340 -4.68 -34.56 -4.43
CA PRO A 340 -3.45 -35.35 -4.26
C PRO A 340 -2.30 -34.48 -3.82
N PRO A 341 -1.62 -34.82 -2.72
CA PRO A 341 -0.46 -34.01 -2.32
C PRO A 341 0.57 -33.85 -3.43
N GLU A 342 0.71 -34.82 -4.33
CA GLU A 342 1.62 -34.66 -5.44
C GLU A 342 1.22 -33.47 -6.29
N GLN A 343 -0.08 -33.31 -6.51
CA GLN A 343 -0.57 -32.19 -7.29
C GLN A 343 -0.23 -30.85 -6.62
N LEU A 344 -0.47 -30.75 -5.32
CA LEU A 344 -0.11 -29.53 -4.60
C LEU A 344 1.38 -29.26 -4.71
N ALA A 345 2.19 -30.29 -4.51
CA ALA A 345 3.63 -30.08 -4.48
C ALA A 345 4.16 -29.71 -5.85
N THR A 346 3.57 -30.26 -6.92
CA THR A 346 4.08 -30.06 -8.27
C THR A 346 3.53 -28.78 -8.89
N ARG A 347 2.22 -28.53 -8.73
CA ARG A 347 1.59 -27.40 -9.39
C ARG A 347 1.58 -26.14 -8.56
N LEU A 348 1.68 -26.27 -7.23
CA LEU A 348 1.64 -25.13 -6.34
C LEU A 348 2.80 -25.22 -5.34
N PRO A 349 4.01 -25.41 -5.84
CA PRO A 349 5.16 -25.50 -4.91
C PRO A 349 5.19 -24.31 -3.98
N GLY A 350 5.30 -24.58 -2.69
CA GLY A 350 5.39 -23.54 -1.69
C GLY A 350 4.11 -23.30 -0.91
N ILE A 351 2.95 -23.70 -1.42
CA ILE A 351 1.73 -23.38 -0.69
C ILE A 351 1.72 -24.09 0.67
N SER A 352 2.21 -25.32 0.72
N SER A 352 2.26 -25.30 0.73
CA SER A 352 2.28 -26.02 2.00
CA SER A 352 2.29 -26.05 1.98
C SER A 352 3.13 -25.22 2.99
C SER A 352 3.20 -25.37 3.01
N GLU A 353 4.32 -24.81 2.56
CA GLU A 353 5.19 -24.04 3.44
C GLU A 353 4.54 -22.75 3.92
N THR A 354 3.99 -21.95 2.99
CA THR A 354 3.36 -20.69 3.37
C THR A 354 2.25 -20.89 4.40
N ALA A 355 1.40 -21.92 4.19
CA ALA A 355 0.29 -22.13 5.11
C ALA A 355 0.80 -22.57 6.48
N MET A 356 1.88 -23.30 6.51
CA MET A 356 2.44 -23.74 7.78
C MET A 356 3.08 -22.58 8.54
N ILE A 357 3.83 -21.74 7.83
CA ILE A 357 4.57 -20.67 8.48
C ILE A 357 3.63 -19.73 9.24
N PHE A 358 2.50 -19.36 8.64
CA PHE A 358 1.61 -18.39 9.25
C PHE A 358 0.42 -19.02 9.95
N ALA A 359 -0.30 -19.91 9.29
CA ALA A 359 -1.51 -20.43 9.90
C ALA A 359 -1.25 -21.68 10.73
N GLY A 360 -0.06 -22.26 10.63
CA GLY A 360 0.21 -23.50 11.35
C GLY A 360 -0.58 -24.67 10.82
N VAL A 361 -0.93 -24.64 9.53
CA VAL A 361 -1.80 -25.60 8.88
C VAL A 361 -0.97 -26.49 7.97
N ASP A 362 -1.28 -27.77 8.01
CA ASP A 362 -0.80 -28.77 7.05
C ASP A 362 -1.88 -28.93 5.99
N VAL A 363 -1.64 -28.38 4.81
CA VAL A 363 -2.66 -28.33 3.77
C VAL A 363 -3.09 -29.71 3.27
N THR A 364 -2.34 -30.78 3.57
CA THR A 364 -2.79 -32.10 3.16
C THR A 364 -3.83 -32.69 4.11
N LYS A 365 -4.08 -32.06 5.28
CA LYS A 365 -5.12 -32.56 6.17
C LYS A 365 -5.99 -31.48 6.81
N GLU A 366 -5.66 -30.20 6.68
CA GLU A 366 -6.36 -29.11 7.35
C GLU A 366 -6.62 -27.99 6.36
N PRO A 367 -7.76 -27.32 6.42
CA PRO A 367 -7.99 -26.16 5.54
C PRO A 367 -7.23 -24.93 6.01
N ILE A 368 -7.08 -23.99 5.08
CA ILE A 368 -6.50 -22.67 5.37
C ILE A 368 -7.63 -21.71 5.75
N PRO A 369 -7.52 -21.00 6.87
CA PRO A 369 -8.53 -19.97 7.20
C PRO A 369 -8.31 -18.75 6.34
N VAL A 370 -9.38 -18.26 5.70
CA VAL A 370 -9.24 -17.21 4.72
C VAL A 370 -10.39 -16.22 4.81
N LEU A 371 -10.13 -15.00 4.38
CA LEU A 371 -11.19 -13.99 4.30
C LEU A 371 -10.79 -12.92 3.31
N PRO A 372 -11.75 -12.12 2.85
CA PRO A 372 -11.43 -11.06 1.90
C PRO A 372 -10.47 -10.06 2.53
N THR A 373 -9.54 -9.58 1.71
CA THR A 373 -8.36 -8.88 2.16
C THR A 373 -8.07 -7.68 1.28
N VAL A 374 -7.85 -6.53 1.90
CA VAL A 374 -7.49 -5.31 1.17
C VAL A 374 -6.14 -5.46 0.50
N HIS A 375 -6.05 -5.07 -0.77
CA HIS A 375 -4.77 -5.06 -1.46
C HIS A 375 -4.35 -3.68 -1.94
N TYR A 376 -5.28 -2.79 -2.28
CA TYR A 376 -4.86 -1.54 -2.88
C TYR A 376 -5.87 -0.42 -2.59
N ASN A 377 -5.35 0.78 -2.44
CA ASN A 377 -6.16 1.97 -2.20
C ASN A 377 -6.16 2.85 -3.44
N MET A 378 -7.21 2.74 -4.24
CA MET A 378 -7.33 3.61 -5.41
C MET A 378 -7.49 5.07 -5.01
N GLY A 379 -8.18 5.32 -3.91
CA GLY A 379 -8.40 6.67 -3.44
C GLY A 379 -7.14 7.26 -2.82
N GLY A 380 -7.27 8.52 -2.44
CA GLY A 380 -6.16 9.20 -1.79
C GLY A 380 -6.23 10.71 -1.96
N ILE A 381 -5.05 11.32 -1.95
CA ILE A 381 -4.94 12.77 -2.06
C ILE A 381 -5.17 13.17 -3.52
N PRO A 382 -6.21 13.95 -3.83
CA PRO A 382 -6.45 14.27 -5.25
C PRO A 382 -5.34 15.12 -5.82
N THR A 383 -4.90 14.77 -7.03
CA THR A 383 -3.97 15.58 -7.76
C THR A 383 -4.47 15.75 -9.19
N ASN A 384 -3.82 16.66 -9.92
CA ASN A 384 -3.89 16.67 -11.37
C ASN A 384 -2.80 15.75 -11.91
N TYR A 385 -2.66 15.67 -13.23
CA TYR A 385 -1.68 14.76 -13.84
C TYR A 385 -0.24 15.19 -13.61
N LYS A 386 -0.02 16.41 -13.12
CA LYS A 386 1.30 16.93 -12.80
C LYS A 386 1.73 16.60 -11.37
N GLY A 387 0.87 15.92 -10.61
CA GLY A 387 1.10 15.63 -9.22
C GLY A 387 0.73 16.76 -8.27
N GLN A 388 0.19 17.86 -8.79
CA GLN A 388 -0.20 18.97 -7.92
C GLN A 388 -1.46 18.63 -7.15
N VAL A 389 -1.43 18.84 -5.83
CA VAL A 389 -2.57 18.54 -4.98
C VAL A 389 -3.68 19.55 -5.23
N LEU A 390 -4.91 19.04 -5.28
CA LEU A 390 -6.07 19.85 -5.60
C LEU A 390 -6.93 20.13 -4.37
N ARG A 391 -7.44 21.34 -4.33
CA ARG A 391 -8.60 21.64 -3.49
C ARG A 391 -9.77 21.91 -4.42
N HIS A 392 -10.95 22.03 -3.84
CA HIS A 392 -12.18 22.15 -4.62
C HIS A 392 -12.96 23.32 -4.01
N VAL A 393 -12.89 24.47 -4.68
CA VAL A 393 -13.32 25.74 -4.11
C VAL A 393 -14.30 26.38 -5.06
N ASN A 394 -15.49 26.72 -4.58
CA ASN A 394 -16.52 27.31 -5.40
C ASN A 394 -16.85 26.40 -6.57
N GLY A 395 -16.79 25.10 -6.33
CA GLY A 395 -17.06 24.12 -7.37
C GLY A 395 -16.03 24.03 -8.47
N GLN A 396 -14.80 24.49 -8.23
CA GLN A 396 -13.74 24.48 -9.24
C GLN A 396 -12.49 23.82 -8.66
N ASP A 397 -11.75 23.13 -9.52
CA ASP A 397 -10.46 22.58 -9.10
C ASP A 397 -9.44 23.71 -9.02
N GLN A 398 -8.53 23.60 -8.05
N GLN A 398 -8.63 23.68 -7.96
CA GLN A 398 -7.53 24.62 -7.84
CA GLN A 398 -7.55 24.63 -7.73
C GLN A 398 -6.33 23.99 -7.15
C GLN A 398 -6.33 23.84 -7.26
N ILE A 399 -5.13 24.19 -7.71
CA ILE A 399 -3.96 23.59 -7.09
C ILE A 399 -3.63 24.29 -5.78
N VAL A 400 -3.10 23.50 -4.85
CA VAL A 400 -2.58 24.01 -3.60
C VAL A 400 -1.12 24.43 -3.83
N PRO A 401 -0.78 25.70 -3.70
CA PRO A 401 0.61 26.10 -3.98
C PRO A 401 1.59 25.41 -3.04
N GLY A 402 2.64 24.86 -3.62
CA GLY A 402 3.68 24.20 -2.85
C GLY A 402 3.39 22.79 -2.41
N LEU A 403 2.33 22.16 -2.91
CA LEU A 403 1.94 20.84 -2.44
C LEU A 403 1.67 19.87 -3.58
N TYR A 404 2.29 18.69 -3.48
CA TYR A 404 2.27 17.64 -4.48
C TYR A 404 2.00 16.32 -3.77
N ALA A 405 1.51 15.34 -4.52
CA ALA A 405 1.36 13.97 -3.99
C ALA A 405 1.56 12.96 -5.11
N CYS A 406 2.06 11.78 -4.74
CA CYS A 406 2.23 10.77 -5.76
C CYS A 406 2.29 9.40 -5.13
N GLY A 407 2.00 8.40 -5.97
CA GLY A 407 1.98 7.02 -5.53
C GLY A 407 0.63 6.58 -4.99
N GLU A 408 0.64 5.49 -4.22
CA GLU A 408 -0.62 4.98 -3.70
C GLU A 408 -1.32 5.98 -2.78
N ALA A 409 -0.60 6.90 -2.14
CA ALA A 409 -1.25 7.91 -1.33
C ALA A 409 -2.05 8.92 -2.17
N ALA A 410 -1.74 9.02 -3.44
CA ALA A 410 -2.35 9.99 -4.33
C ALA A 410 -3.55 9.39 -5.04
N CYS A 411 -4.30 10.27 -5.71
CA CYS A 411 -5.46 9.90 -6.53
C CYS A 411 -5.44 10.86 -7.72
N ALA A 412 -4.73 10.44 -8.78
CA ALA A 412 -4.41 11.30 -9.89
C ALA A 412 -5.54 11.53 -10.92
N SER A 413 -6.52 10.65 -11.19
CA SER A 413 -6.72 9.28 -10.72
C SER A 413 -6.50 8.38 -11.91
N VAL A 414 -5.42 7.61 -11.91
CA VAL A 414 -5.21 6.72 -13.04
C VAL A 414 -5.92 5.39 -12.87
N HIS A 415 -6.34 5.04 -11.63
CA HIS A 415 -6.98 3.78 -11.41
C HIS A 415 -8.49 3.88 -11.29
N GLY A 416 -9.01 5.08 -11.06
CA GLY A 416 -10.45 5.24 -10.90
C GLY A 416 -11.03 4.31 -9.87
N ALA A 417 -11.97 3.46 -10.30
CA ALA A 417 -12.67 2.55 -9.42
C ALA A 417 -12.03 1.16 -9.36
N ASN A 418 -10.93 0.93 -10.08
CA ASN A 418 -10.25 -0.36 -10.04
C ASN A 418 -8.89 -0.33 -10.73
N ARG A 419 -7.83 -0.52 -9.94
CA ARG A 419 -6.48 -0.61 -10.44
C ARG A 419 -6.24 -1.89 -11.24
N LEU A 420 -5.53 -1.76 -12.37
CA LEU A 420 -5.06 -2.92 -13.12
C LEU A 420 -3.76 -3.44 -12.53
N GLY A 421 -3.63 -4.75 -12.50
CA GLY A 421 -2.37 -5.37 -12.11
C GLY A 421 -1.19 -4.80 -12.88
N ALA A 422 -0.12 -4.52 -12.15
CA ALA A 422 1.16 -4.00 -12.63
C ALA A 422 1.09 -2.54 -13.09
N ASN A 423 -0.02 -1.87 -12.86
CA ASN A 423 -0.06 -0.42 -13.04
C ASN A 423 0.36 0.35 -11.79
N SER A 424 0.51 -0.32 -10.64
CA SER A 424 0.72 0.38 -9.37
C SER A 424 2.20 0.56 -9.03
N LEU A 425 3.10 -0.14 -9.70
CA LEU A 425 4.49 0.29 -9.69
C LEU A 425 4.73 1.35 -10.75
N LEU A 426 3.98 1.28 -11.85
CA LEU A 426 4.13 2.26 -12.91
C LEU A 426 3.75 3.66 -12.44
N ASP A 427 2.61 3.80 -11.73
N ASP A 427 2.59 3.78 -11.78
CA ASP A 427 2.21 5.15 -11.31
CA ASP A 427 2.17 5.07 -11.25
C ASP A 427 3.20 5.75 -10.33
C ASP A 427 3.30 5.71 -10.45
N LEU A 428 3.93 4.93 -9.57
CA LEU A 428 4.94 5.48 -8.68
C LEU A 428 6.00 6.25 -9.47
N VAL A 429 6.53 5.62 -10.52
CA VAL A 429 7.66 6.23 -11.20
C VAL A 429 7.19 7.37 -12.08
N VAL A 430 6.03 7.22 -12.73
CA VAL A 430 5.54 8.28 -13.59
C VAL A 430 5.21 9.53 -12.78
N PHE A 431 4.46 9.37 -11.70
CA PHE A 431 4.00 10.57 -10.99
C PHE A 431 5.01 11.08 -9.97
N GLY A 432 5.87 10.22 -9.45
CA GLY A 432 7.04 10.72 -8.74
C GLY A 432 7.90 11.62 -9.62
N ARG A 433 8.17 11.16 -10.85
CA ARG A 433 8.90 11.99 -11.80
C ARG A 433 8.10 13.25 -12.18
N ALA A 434 6.79 13.12 -12.33
CA ALA A 434 5.97 14.27 -12.72
C ALA A 434 6.04 15.37 -11.68
N CYS A 435 6.01 15.00 -10.40
CA CYS A 435 6.12 16.00 -9.34
C CYS A 435 7.43 16.77 -9.47
N ALA A 436 8.54 16.04 -9.66
CA ALA A 436 9.85 16.69 -9.82
C ALA A 436 9.87 17.58 -11.05
N LEU A 437 9.34 17.10 -12.18
CA LEU A 437 9.32 17.91 -13.39
C LEU A 437 8.47 19.17 -13.21
N SER A 438 7.32 19.04 -12.56
N SER A 438 7.32 19.03 -12.55
CA SER A 438 6.47 20.21 -12.34
CA SER A 438 6.45 20.19 -12.33
C SER A 438 7.18 21.25 -11.49
C SER A 438 7.15 21.24 -11.48
N ILE A 439 7.86 20.82 -10.44
CA ILE A 439 8.62 21.75 -9.62
C ILE A 439 9.74 22.38 -10.42
N GLU A 440 10.45 21.57 -11.21
CA GLU A 440 11.54 22.06 -12.05
C GLU A 440 11.06 23.10 -13.06
N GLU A 441 9.83 22.98 -13.54
CA GLU A 441 9.32 23.89 -14.54
C GLU A 441 8.79 25.18 -13.96
N SER A 442 8.46 25.23 -12.67
CA SER A 442 7.84 26.39 -12.07
C SER A 442 8.73 27.11 -11.08
N CYS A 443 9.84 26.51 -10.66
CA CYS A 443 10.69 26.98 -9.59
C CYS A 443 12.13 26.77 -10.01
N ARG A 444 13.05 27.41 -9.29
CA ARG A 444 14.47 27.15 -9.49
C ARG A 444 15.10 26.85 -8.15
N PRO A 445 16.16 26.05 -8.12
CA PRO A 445 16.91 25.85 -6.87
C PRO A 445 17.35 27.19 -6.30
N GLY A 446 17.22 27.34 -5.00
CA GLY A 446 17.65 28.53 -4.32
C GLY A 446 16.63 29.65 -4.28
N ASP A 447 15.45 29.47 -4.86
CA ASP A 447 14.36 30.42 -4.69
C ASP A 447 14.13 30.64 -3.20
N LYS A 448 13.65 31.83 -2.85
CA LYS A 448 13.39 32.16 -1.46
C LYS A 448 12.42 31.14 -0.88
N VAL A 449 12.74 30.62 0.30
CA VAL A 449 11.83 29.68 0.96
C VAL A 449 10.88 30.48 1.84
N PRO A 450 9.57 30.29 1.76
CA PRO A 450 8.66 31.13 2.53
C PRO A 450 8.87 30.90 4.01
N PRO A 451 8.72 31.93 4.83
CA PRO A 451 8.91 31.77 6.27
C PRO A 451 7.71 31.08 6.90
N ILE A 452 7.90 30.65 8.15
CA ILE A 452 6.81 30.11 8.95
C ILE A 452 6.77 30.87 10.27
N LYS A 453 5.58 30.91 10.86
CA LYS A 453 5.40 31.59 12.12
C LYS A 453 6.21 30.88 13.21
N PRO A 454 6.69 31.62 14.22
CA PRO A 454 7.57 30.99 15.22
C PRO A 454 6.90 29.84 15.96
N ASN A 455 5.58 29.86 16.09
CA ASN A 455 4.83 28.80 16.75
C ASN A 455 4.25 27.78 15.77
N ALA A 456 4.61 27.86 14.49
CA ALA A 456 4.10 26.93 13.50
C ALA A 456 4.35 25.50 13.95
N GLY A 457 3.32 24.64 13.83
CA GLY A 457 3.44 23.27 14.28
C GLY A 457 3.11 23.02 15.72
N GLU A 458 2.85 24.07 16.51
N GLU A 458 2.81 24.05 16.51
CA GLU A 458 2.55 23.91 17.92
CA GLU A 458 2.59 23.87 17.93
C GLU A 458 1.49 22.83 18.15
C GLU A 458 1.44 22.91 18.23
N GLU A 459 0.43 22.85 17.36
CA GLU A 459 -0.68 21.92 17.61
C GLU A 459 -0.26 20.48 17.42
N SER A 460 0.62 20.22 16.45
CA SER A 460 1.18 18.88 16.28
C SER A 460 1.93 18.44 17.54
N VAL A 461 2.68 19.35 18.14
CA VAL A 461 3.42 18.97 19.34
C VAL A 461 2.48 18.76 20.50
N MET A 462 1.45 19.60 20.62
N MET A 462 1.44 19.57 20.62
CA MET A 462 0.45 19.43 21.67
CA MET A 462 0.50 19.38 21.73
C MET A 462 -0.21 18.05 21.58
C MET A 462 -0.26 18.06 21.59
N ASN A 463 -0.60 17.67 20.36
CA ASN A 463 -1.21 16.35 20.17
C ASN A 463 -0.25 15.24 20.57
N LEU A 464 1.01 15.35 20.14
CA LEU A 464 2.01 14.36 20.50
C LEU A 464 2.15 14.23 22.00
N ASP A 465 2.19 15.34 22.71
CA ASP A 465 2.33 15.32 24.16
C ASP A 465 1.11 14.68 24.82
N LYS A 466 -0.09 14.96 24.31
CA LYS A 466 -1.29 14.34 24.88
C LYS A 466 -1.25 12.82 24.72
N LEU A 467 -0.77 12.33 23.58
CA LEU A 467 -0.69 10.89 23.37
C LEU A 467 0.41 10.28 24.23
N ARG A 468 1.55 10.95 24.32
CA ARG A 468 2.65 10.46 25.11
C ARG A 468 2.25 10.19 26.54
N PHE A 469 1.39 11.04 27.10
CA PHE A 469 0.98 10.93 28.50
C PHE A 469 -0.45 10.43 28.64
N ALA A 470 -1.04 9.90 27.56
CA ALA A 470 -2.43 9.45 27.60
C ALA A 470 -2.64 8.38 28.66
N ASP A 471 -3.62 8.60 29.54
CA ASP A 471 -3.87 7.70 30.66
C ASP A 471 -5.35 7.44 30.84
N GLY A 472 -6.07 7.31 29.73
CA GLY A 472 -7.49 7.03 29.73
C GLY A 472 -7.82 5.56 29.94
N SER A 473 -8.96 5.15 29.39
CA SER A 473 -9.51 3.83 29.66
C SER A 473 -9.46 2.87 28.50
N ILE A 474 -9.03 3.30 27.31
CA ILE A 474 -9.00 2.46 26.12
C ILE A 474 -7.58 2.40 25.57
N ARG A 475 -6.96 1.23 25.65
CA ARG A 475 -5.61 1.10 25.12
C ARG A 475 -5.60 1.19 23.60
N THR A 476 -4.49 1.69 23.05
CA THR A 476 -4.33 1.77 21.60
C THR A 476 -4.70 0.46 20.93
N SER A 477 -4.26 -0.65 21.51
CA SER A 477 -4.49 -1.96 20.90
C SER A 477 -5.98 -2.24 20.76
N GLU A 478 -6.76 -1.86 21.77
CA GLU A 478 -8.18 -2.16 21.81
C GLU A 478 -8.93 -1.34 20.78
N LEU A 479 -8.64 -0.04 20.73
N LEU A 479 -8.62 -0.06 20.71
CA LEU A 479 -9.31 0.80 19.75
CA LEU A 479 -9.28 0.83 19.76
C LEU A 479 -8.94 0.38 18.34
C LEU A 479 -8.91 0.47 18.33
N ARG A 480 -7.65 0.08 18.12
CA ARG A 480 -7.20 -0.33 16.80
C ARG A 480 -7.95 -1.56 16.32
N LEU A 481 -8.01 -2.60 17.16
CA LEU A 481 -8.67 -3.82 16.73
C LEU A 481 -10.14 -3.58 16.46
N SER A 482 -10.81 -2.80 17.31
N SER A 482 -10.78 -2.74 17.27
CA SER A 482 -12.22 -2.50 17.08
CA SER A 482 -12.21 -2.49 17.09
C SER A 482 -12.41 -1.83 15.72
C SER A 482 -12.47 -1.75 15.78
N MET A 483 -11.59 -0.81 15.44
CA MET A 483 -11.66 -0.15 14.14
C MET A 483 -11.52 -1.14 13.02
N GLN A 484 -10.49 -1.97 13.08
CA GLN A 484 -10.20 -2.91 12.01
C GLN A 484 -11.34 -3.89 11.80
N LYS A 485 -11.88 -4.43 12.89
CA LYS A 485 -13.00 -5.34 12.78
C LYS A 485 -14.23 -4.64 12.23
N SER A 486 -14.49 -3.41 12.70
CA SER A 486 -15.66 -2.67 12.23
C SER A 486 -15.56 -2.36 10.74
N MET A 487 -14.36 -1.98 10.27
CA MET A 487 -14.20 -1.76 8.84
C MET A 487 -14.33 -3.06 8.06
N GLN A 488 -13.78 -4.14 8.59
CA GLN A 488 -13.90 -5.42 7.93
C GLN A 488 -15.35 -5.87 7.82
N ASN A 489 -16.16 -5.55 8.83
CA ASN A 489 -17.52 -6.04 8.87
C ASN A 489 -18.53 -5.12 8.21
N HIS A 490 -18.18 -3.87 7.92
CA HIS A 490 -19.15 -2.92 7.40
C HIS A 490 -18.72 -2.17 6.16
N ALA A 491 -17.45 -2.09 5.86
CA ALA A 491 -16.96 -1.26 4.78
C ALA A 491 -16.05 -2.06 3.85
N ALA A 492 -16.25 -3.37 3.80
CA ALA A 492 -15.43 -4.24 2.95
C ALA A 492 -16.13 -4.48 1.63
N VAL A 493 -16.14 -5.71 1.11
CA VAL A 493 -16.70 -5.92 -0.22
C VAL A 493 -18.22 -5.87 -0.19
N PHE A 494 -18.84 -6.49 0.80
CA PHE A 494 -20.28 -6.51 0.94
C PHE A 494 -20.74 -5.16 1.46
N ARG A 495 -21.50 -4.43 0.64
CA ARG A 495 -21.94 -3.09 1.00
C ARG A 495 -23.44 -2.94 0.75
N VAL A 496 -24.16 -2.50 1.77
CA VAL A 496 -25.59 -2.27 1.68
C VAL A 496 -25.94 -1.23 2.74
N GLY A 497 -27.01 -0.47 2.46
CA GLY A 497 -27.27 0.72 3.26
C GLY A 497 -27.29 0.49 4.76
N SER A 498 -28.05 -0.50 5.23
CA SER A 498 -28.23 -0.66 6.66
C SER A 498 -26.90 -0.99 7.34
N VAL A 499 -26.10 -1.83 6.70
CA VAL A 499 -24.81 -2.22 7.27
C VAL A 499 -23.80 -1.07 7.20
N LEU A 500 -23.79 -0.35 6.08
CA LEU A 500 -22.92 0.82 5.96
C LEU A 500 -23.29 1.87 7.03
N GLN A 501 -24.58 2.07 7.26
CA GLN A 501 -24.99 3.07 8.25
C GLN A 501 -24.61 2.64 9.65
N GLU A 502 -24.80 1.37 9.97
CA GLU A 502 -24.34 0.84 11.25
C GLU A 502 -22.84 1.08 11.41
N GLY A 503 -22.08 0.78 10.35
CA GLY A 503 -20.63 0.97 10.41
C GLY A 503 -20.24 2.42 10.58
N CYS A 504 -20.96 3.33 9.92
CA CYS A 504 -20.70 4.75 10.12
C CYS A 504 -20.85 5.14 11.58
N GLY A 505 -21.89 4.63 12.25
CA GLY A 505 -22.04 4.94 13.66
C GLY A 505 -20.90 4.41 14.49
N LYS A 506 -20.48 3.18 14.18
CA LYS A 506 -19.40 2.55 14.93
C LYS A 506 -18.10 3.31 14.76
N ILE A 507 -17.75 3.66 13.52
CA ILE A 507 -16.48 4.36 13.31
C ILE A 507 -16.53 5.74 13.93
N SER A 508 -17.67 6.43 13.87
CA SER A 508 -17.78 7.72 14.55
C SER A 508 -17.63 7.54 16.06
N LYS A 509 -18.20 6.48 16.63
CA LYS A 509 -18.03 6.22 18.05
C LYS A 509 -16.56 6.00 18.39
N LEU A 510 -15.85 5.20 17.58
CA LEU A 510 -14.43 4.96 17.83
C LEU A 510 -13.58 6.22 17.67
N TYR A 511 -13.98 7.12 16.78
CA TYR A 511 -13.27 8.39 16.68
C TYR A 511 -13.37 9.17 17.98
N GLY A 512 -14.57 9.17 18.59
CA GLY A 512 -14.73 9.79 19.88
C GLY A 512 -13.92 9.11 20.96
N ASP A 513 -13.67 7.81 20.80
CA ASP A 513 -12.87 7.06 21.76
C ASP A 513 -11.40 7.50 21.76
N LEU A 514 -10.93 8.15 20.69
CA LEU A 514 -9.55 8.62 20.67
C LEU A 514 -9.25 9.51 21.87
N LYS A 515 -10.27 10.23 22.36
CA LYS A 515 -10.12 11.07 23.54
C LYS A 515 -9.94 10.28 24.83
N HIS A 516 -10.11 8.96 24.79
CA HIS A 516 -9.99 8.10 25.97
C HIS A 516 -8.81 7.16 25.87
N LEU A 517 -7.87 7.46 25.00
CA LEU A 517 -6.73 6.57 24.79
C LEU A 517 -5.90 6.42 26.04
N LYS A 518 -5.32 5.23 26.17
CA LYS A 518 -4.38 4.86 27.20
C LYS A 518 -3.10 4.38 26.51
N THR A 519 -1.98 5.04 26.82
CA THR A 519 -0.66 4.58 26.39
C THR A 519 0.18 4.29 27.61
N PHE A 520 1.37 3.76 27.40
CA PHE A 520 2.24 3.32 28.50
C PHE A 520 3.62 3.93 28.50
N ASP A 521 4.25 4.10 27.34
CA ASP A 521 5.64 4.55 27.26
C ASP A 521 5.67 6.07 27.32
N ARG A 522 6.23 6.61 28.40
CA ARG A 522 6.30 8.05 28.60
C ARG A 522 7.62 8.65 28.14
N GLY A 523 8.54 7.84 27.62
CA GLY A 523 9.82 8.34 27.17
C GLY A 523 9.74 8.80 25.73
N MET A 524 10.85 9.34 25.23
CA MET A 524 10.86 9.82 23.86
C MET A 524 11.95 9.20 23.00
N VAL A 525 12.63 8.15 23.50
CA VAL A 525 13.62 7.42 22.72
C VAL A 525 12.97 6.16 22.16
N TRP A 526 12.88 6.07 20.83
CA TRP A 526 12.30 4.90 20.15
C TRP A 526 11.00 4.47 20.82
N ASN A 527 10.06 5.43 20.91
CA ASN A 527 8.78 5.16 21.54
C ASN A 527 7.82 4.63 20.48
N THR A 528 7.86 3.30 20.29
CA THR A 528 6.97 2.65 19.32
C THR A 528 5.51 2.72 19.77
N ASP A 529 5.24 2.65 21.07
CA ASP A 529 3.90 2.86 21.60
C ASP A 529 3.30 4.16 21.09
N LEU A 530 4.07 5.24 21.19
CA LEU A 530 3.61 6.55 20.75
C LEU A 530 3.44 6.59 19.24
N VAL A 531 4.42 6.08 18.50
CA VAL A 531 4.32 6.08 17.04
C VAL A 531 3.07 5.31 16.59
N GLU A 532 2.84 4.12 17.15
CA GLU A 532 1.67 3.34 16.72
C GLU A 532 0.37 3.99 17.17
N THR A 533 0.38 4.83 18.21
CA THR A 533 -0.81 5.58 18.55
C THR A 533 -1.06 6.75 17.59
N LEU A 534 0.00 7.43 17.15
CA LEU A 534 -0.16 8.43 16.08
C LEU A 534 -0.71 7.77 14.82
N GLU A 535 -0.18 6.59 14.50
CA GLU A 535 -0.65 5.85 13.34
C GLU A 535 -2.15 5.54 13.48
N LEU A 536 -2.61 5.21 14.68
CA LEU A 536 -4.02 4.89 14.87
C LEU A 536 -4.88 6.13 14.64
N GLN A 537 -4.46 7.29 15.15
CA GLN A 537 -5.18 8.52 14.86
C GLN A 537 -5.33 8.71 13.36
N ASN A 538 -4.26 8.46 12.63
CA ASN A 538 -4.26 8.68 11.20
C ASN A 538 -5.19 7.70 10.51
N LEU A 539 -5.09 6.42 10.89
CA LEU A 539 -5.98 5.39 10.37
C LEU A 539 -7.43 5.74 10.59
N MET A 540 -7.76 6.25 11.78
CA MET A 540 -9.16 6.54 12.09
C MET A 540 -9.73 7.63 11.19
N LEU A 541 -8.91 8.64 10.84
CA LEU A 541 -9.38 9.66 9.91
C LEU A 541 -9.67 9.06 8.54
N CYS A 542 -8.79 8.17 8.09
CA CYS A 542 -8.97 7.48 6.82
C CYS A 542 -10.22 6.59 6.87
N ALA A 543 -10.43 5.90 7.99
CA ALA A 543 -11.58 5.02 8.11
C ALA A 543 -12.88 5.80 8.04
N LEU A 544 -12.97 6.90 8.77
CA LEU A 544 -14.17 7.72 8.74
C LEU A 544 -14.54 8.08 7.32
N GLN A 545 -13.59 8.58 6.56
CA GLN A 545 -13.89 9.06 5.23
C GLN A 545 -14.24 7.93 4.27
N THR A 546 -13.54 6.81 4.38
CA THR A 546 -13.87 5.63 3.56
C THR A 546 -15.31 5.19 3.77
N ILE A 547 -15.73 5.01 5.02
CA ILE A 547 -17.05 4.40 5.27
C ILE A 547 -18.18 5.40 5.00
N TYR A 548 -18.01 6.68 5.33
CA TYR A 548 -19.05 7.65 5.02
C TYR A 548 -19.16 7.87 3.52
N GLY A 549 -18.04 7.87 2.78
CA GLY A 549 -18.13 7.97 1.33
C GLY A 549 -18.84 6.78 0.72
N ALA A 550 -18.59 5.59 1.26
CA ALA A 550 -19.22 4.38 0.74
C ALA A 550 -20.71 4.39 1.01
N GLU A 551 -21.12 4.88 2.19
CA GLU A 551 -22.54 4.94 2.53
C GLU A 551 -23.28 5.91 1.62
N ALA A 552 -22.60 6.99 1.22
CA ALA A 552 -23.28 7.98 0.41
C ALA A 552 -23.42 7.55 -1.05
N ARG A 553 -22.48 6.75 -1.55
CA ARG A 553 -22.41 6.48 -2.99
C ARG A 553 -23.40 5.37 -3.32
N LYS A 554 -24.53 5.75 -3.88
CA LYS A 554 -25.63 4.82 -4.13
C LYS A 554 -25.56 4.35 -5.59
N GLU A 555 -24.50 3.58 -5.87
CA GLU A 555 -24.30 2.95 -7.17
C GLU A 555 -23.28 1.84 -6.99
N SER A 556 -23.04 1.10 -8.06
CA SER A 556 -21.92 0.15 -8.13
C SER A 556 -20.99 0.60 -9.25
N ARG A 557 -19.71 0.72 -8.94
CA ARG A 557 -18.70 1.11 -9.92
C ARG A 557 -17.38 0.49 -9.48
N GLY A 558 -16.77 -0.30 -10.37
CA GLY A 558 -15.52 -0.95 -10.03
C GLY A 558 -15.61 -1.69 -8.70
N ALA A 559 -14.67 -1.40 -7.81
CA ALA A 559 -14.55 -2.14 -6.57
C ALA A 559 -15.63 -1.81 -5.55
N HIS A 560 -16.40 -0.74 -5.77
CA HIS A 560 -17.52 -0.35 -4.90
C HIS A 560 -18.78 -0.95 -5.49
N ALA A 561 -19.36 -1.93 -4.81
CA ALA A 561 -20.57 -2.53 -5.34
C ALA A 561 -21.56 -2.73 -4.21
N ARG A 562 -22.79 -2.29 -4.43
CA ARG A 562 -23.81 -2.24 -3.37
C ARG A 562 -24.96 -3.14 -3.70
N GLU A 563 -25.40 -3.91 -2.71
CA GLU A 563 -26.53 -4.82 -2.94
C GLU A 563 -27.83 -4.07 -3.19
N ASP A 564 -27.94 -2.82 -2.68
CA ASP A 564 -29.13 -2.01 -2.88
C ASP A 564 -29.03 -1.10 -4.09
N TYR A 565 -27.87 -1.04 -4.76
CA TYR A 565 -27.60 -0.12 -5.87
C TYR A 565 -26.58 -0.83 -6.76
N LYS A 566 -27.07 -1.80 -7.55
CA LYS A 566 -26.20 -2.71 -8.27
C LYS A 566 -25.76 -2.20 -9.64
N VAL A 567 -26.26 -1.04 -10.04
CA VAL A 567 -26.06 -0.48 -11.37
C VAL A 567 -25.07 0.68 -11.29
N ARG A 568 -24.22 0.78 -12.31
CA ARG A 568 -23.37 1.97 -12.50
C ARG A 568 -24.23 3.14 -13.00
N ILE A 569 -24.21 4.25 -12.26
CA ILE A 569 -25.09 5.38 -12.54
C ILE A 569 -24.28 6.49 -13.16
N ASP A 570 -24.33 6.56 -14.51
CA ASP A 570 -23.61 7.56 -15.29
C ASP A 570 -24.57 8.68 -15.69
N GLU A 571 -24.02 9.68 -16.39
CA GLU A 571 -24.79 10.83 -16.85
C GLU A 571 -25.73 10.49 -18.00
N TYR A 572 -25.49 9.36 -18.68
CA TYR A 572 -26.39 8.77 -19.64
C TYR A 572 -26.56 7.31 -19.28
N ASP A 573 -27.51 6.63 -19.93
CA ASP A 573 -27.58 5.16 -19.89
C ASP A 573 -26.71 4.69 -21.06
N TYR A 574 -25.47 4.35 -20.76
CA TYR A 574 -24.56 3.94 -21.81
C TYR A 574 -24.81 2.52 -22.32
N SER A 575 -25.79 1.80 -21.76
CA SER A 575 -26.25 0.56 -22.37
C SER A 575 -27.12 0.79 -23.60
N LYS A 576 -27.51 2.03 -23.88
CA LYS A 576 -28.39 2.36 -24.99
C LYS A 576 -27.80 3.49 -25.80
N PRO A 577 -28.14 3.59 -27.09
CA PRO A 577 -27.61 4.69 -27.89
C PRO A 577 -27.87 6.03 -27.21
N ILE A 578 -26.90 6.92 -27.29
CA ILE A 578 -26.98 8.18 -26.56
C ILE A 578 -27.89 9.16 -27.26
N GLN A 579 -28.05 9.02 -28.59
CA GLN A 579 -28.89 9.92 -29.36
C GLN A 579 -30.30 9.92 -28.79
N GLY A 580 -30.75 11.11 -28.38
CA GLY A 580 -32.08 11.28 -27.87
C GLY A 580 -32.23 11.18 -26.36
N GLN A 581 -31.17 10.82 -25.65
CA GLN A 581 -31.24 10.79 -24.20
C GLN A 581 -31.08 12.21 -23.63
N GLN A 582 -31.73 12.45 -22.51
CA GLN A 582 -31.45 13.65 -21.72
C GLN A 582 -30.32 13.34 -20.74
N LYS A 583 -29.28 14.18 -20.76
CA LYS A 583 -28.17 14.03 -19.84
C LYS A 583 -28.61 14.31 -18.41
N LYS A 584 -28.16 13.48 -17.49
CA LYS A 584 -28.50 13.72 -16.09
C LYS A 584 -27.64 14.85 -15.55
N PRO A 585 -28.21 15.77 -14.78
N PRO A 585 -28.22 15.77 -14.80
CA PRO A 585 -27.38 16.80 -14.15
CA PRO A 585 -27.40 16.80 -14.14
C PRO A 585 -26.37 16.15 -13.20
C PRO A 585 -26.37 16.15 -13.21
N PHE A 586 -25.27 16.86 -13.01
CA PHE A 586 -24.18 16.39 -12.15
C PHE A 586 -24.68 15.85 -10.83
N GLU A 587 -25.61 16.55 -10.19
CA GLU A 587 -26.07 16.15 -8.87
C GLU A 587 -26.94 14.91 -8.89
N GLU A 588 -27.32 14.41 -10.07
CA GLU A 588 -28.25 13.29 -10.19
C GLU A 588 -27.60 12.08 -10.86
N HIS A 589 -26.28 12.02 -10.92
CA HIS A 589 -25.60 10.80 -11.30
C HIS A 589 -24.36 10.66 -10.43
N TRP A 590 -23.66 9.53 -10.60
CA TRP A 590 -22.57 9.19 -9.71
C TRP A 590 -21.23 9.11 -10.42
N ARG A 591 -21.13 9.48 -11.69
CA ARG A 591 -19.83 9.40 -12.37
C ARG A 591 -19.08 10.69 -12.06
N LYS A 592 -18.49 10.70 -10.86
CA LYS A 592 -17.90 11.88 -10.22
C LYS A 592 -17.08 11.37 -9.06
N HIS A 593 -16.04 12.09 -8.72
CA HIS A 593 -15.17 11.71 -7.62
C HIS A 593 -15.77 12.17 -6.29
N THR A 594 -15.67 11.30 -5.29
CA THR A 594 -16.02 11.69 -3.92
C THR A 594 -14.88 12.53 -3.38
N LEU A 595 -15.21 13.65 -2.75
CA LEU A 595 -14.28 14.45 -1.96
C LEU A 595 -14.75 14.43 -0.51
N SER A 596 -13.84 14.10 0.39
N SER A 596 -13.82 14.12 0.40
CA SER A 596 -14.20 13.96 1.80
CA SER A 596 -14.15 13.93 1.80
C SER A 596 -13.34 14.86 2.67
C SER A 596 -13.34 14.88 2.67
N TYR A 597 -13.97 15.36 3.73
CA TYR A 597 -13.34 16.24 4.70
C TYR A 597 -13.74 15.78 6.09
N VAL A 598 -12.88 16.01 7.08
CA VAL A 598 -13.23 15.76 8.48
C VAL A 598 -12.90 17.01 9.30
N ASP A 599 -13.87 17.48 10.09
CA ASP A 599 -13.58 18.40 11.20
C ASP A 599 -12.92 17.57 12.29
N VAL A 600 -11.60 17.70 12.46
N VAL A 600 -11.61 17.74 12.43
CA VAL A 600 -10.91 16.77 13.33
CA VAL A 600 -10.83 16.88 13.32
C VAL A 600 -11.25 16.99 14.79
C VAL A 600 -11.35 16.99 14.74
N GLY A 601 -11.73 18.19 15.15
CA GLY A 601 -12.18 18.40 16.52
C GLY A 601 -13.44 17.62 16.85
N THR A 602 -14.41 17.61 15.94
CA THR A 602 -15.73 17.03 16.20
C THR A 602 -15.95 15.66 15.56
N GLY A 603 -15.11 15.27 14.60
CA GLY A 603 -15.34 14.08 13.82
C GLY A 603 -16.36 14.20 12.71
N LYS A 604 -16.89 15.40 12.47
CA LYS A 604 -17.91 15.58 11.43
C LYS A 604 -17.31 15.36 10.05
N VAL A 605 -17.94 14.50 9.26
CA VAL A 605 -17.53 14.24 7.89
C VAL A 605 -18.42 15.06 6.95
N THR A 606 -17.78 15.71 5.97
CA THR A 606 -18.46 16.43 4.90
C THR A 606 -18.03 15.84 3.57
N LEU A 607 -19.00 15.62 2.67
CA LEU A 607 -18.72 15.11 1.35
C LEU A 607 -19.10 16.15 0.29
N GLU A 608 -18.23 16.27 -0.70
CA GLU A 608 -18.48 17.02 -1.93
C GLU A 608 -18.14 16.10 -3.12
N TYR A 609 -18.37 16.58 -4.33
CA TYR A 609 -18.04 15.80 -5.53
C TYR A 609 -17.43 16.71 -6.59
N ARG A 610 -16.50 16.16 -7.37
CA ARG A 610 -15.93 16.87 -8.51
C ARG A 610 -15.94 15.98 -9.74
N PRO A 611 -16.03 16.57 -10.94
CA PRO A 611 -16.15 15.75 -12.15
C PRO A 611 -14.90 14.91 -12.41
N VAL A 612 -15.15 13.76 -13.03
CA VAL A 612 -14.11 12.99 -13.71
C VAL A 612 -13.62 13.78 -14.92
N ILE A 613 -12.31 13.75 -15.15
N ILE A 613 -12.31 13.77 -15.14
CA ILE A 613 -11.70 14.35 -16.32
CA ILE A 613 -11.74 14.39 -16.32
C ILE A 613 -11.77 13.35 -17.45
C ILE A 613 -11.78 13.37 -17.45
N ASP A 614 -12.62 13.62 -18.45
CA ASP A 614 -12.68 12.74 -19.62
C ASP A 614 -11.75 13.18 -20.73
N LYS A 615 -11.46 14.49 -20.83
CA LYS A 615 -10.52 14.95 -21.85
C LYS A 615 -9.14 14.35 -21.62
N THR A 616 -8.47 14.00 -22.71
CA THR A 616 -7.08 13.58 -22.58
C THR A 616 -6.17 14.80 -22.68
N LEU A 617 -4.86 14.59 -22.75
CA LEU A 617 -3.93 15.70 -22.95
C LEU A 617 -3.97 16.25 -24.37
N ASN A 618 -4.44 15.47 -25.34
CA ASN A 618 -4.43 15.86 -26.74
C ASN A 618 -5.30 14.84 -27.48
N GLU A 619 -6.50 15.25 -27.85
CA GLU A 619 -7.45 14.33 -28.49
C GLU A 619 -6.89 13.75 -29.77
N ALA A 620 -6.05 14.50 -30.51
CA ALA A 620 -5.46 13.98 -31.75
C ALA A 620 -4.48 12.84 -31.46
N ASP A 621 -3.79 12.92 -30.34
CA ASP A 621 -2.83 11.89 -29.95
C ASP A 621 -3.52 10.69 -29.31
N CYS A 622 -4.57 10.94 -28.55
CA CYS A 622 -5.20 9.88 -27.76
C CYS A 622 -6.64 10.29 -27.51
N ALA A 623 -7.56 9.61 -28.19
CA ALA A 623 -8.97 9.97 -28.09
C ALA A 623 -9.58 9.59 -26.76
N THR A 624 -10.38 10.50 -26.21
CA THR A 624 -11.21 10.16 -25.07
C THR A 624 -12.01 8.89 -25.36
N VAL A 625 -12.10 8.03 -24.36
CA VAL A 625 -12.87 6.78 -24.46
C VAL A 625 -14.19 7.01 -23.74
N PRO A 626 -15.32 7.05 -24.44
CA PRO A 626 -16.59 7.29 -23.77
C PRO A 626 -16.97 6.12 -22.87
N PRO A 627 -17.71 6.37 -21.80
CA PRO A 627 -18.14 5.26 -20.95
C PRO A 627 -18.90 4.21 -21.76
N ALA A 628 -18.76 2.96 -21.33
CA ALA A 628 -19.39 1.83 -22.01
C ALA A 628 -19.85 0.82 -20.98
N ILE A 629 -20.75 -0.05 -21.40
CA ILE A 629 -21.36 -1.03 -20.49
C ILE A 629 -21.39 -2.39 -21.16
N ARG A 630 -21.06 -3.44 -20.41
N GLN B 15 21.02 -9.29 -9.58
CA GLN B 15 21.56 -8.45 -8.52
C GLN B 15 22.63 -7.47 -9.03
N LYS B 16 22.62 -7.20 -10.33
CA LYS B 16 23.56 -6.25 -10.89
C LYS B 16 23.46 -4.89 -10.22
N ASP B 17 22.23 -4.38 -10.09
CA ASP B 17 22.02 -3.07 -9.45
C ASP B 17 22.68 -3.02 -8.08
N MET B 18 22.64 -4.13 -7.34
CA MET B 18 23.19 -4.12 -5.99
C MET B 18 24.70 -4.17 -5.97
N ILE B 19 25.33 -4.63 -7.05
CA ILE B 19 26.79 -4.65 -7.14
C ILE B 19 27.33 -3.33 -7.66
N GLU B 20 26.64 -2.73 -8.64
CA GLU B 20 27.06 -1.46 -9.22
C GLU B 20 26.56 -0.26 -8.44
N ILE B 21 25.62 -0.44 -7.52
CA ILE B 21 25.09 0.67 -6.73
C ILE B 21 25.13 0.30 -5.26
N PRO B 22 26.30 0.27 -4.63
CA PRO B 22 26.37 -0.08 -3.21
C PRO B 22 25.84 1.04 -2.32
N LEU B 23 25.09 0.65 -1.29
CA LEU B 23 24.50 1.57 -0.32
C LEU B 23 25.43 1.73 0.88
N PRO B 24 25.20 2.77 1.69
CA PRO B 24 26.03 2.97 2.89
C PRO B 24 26.03 1.72 3.77
N PRO B 25 27.19 1.29 4.26
CA PRO B 25 27.25 0.01 4.97
C PRO B 25 26.54 0.06 6.31
N TRP B 26 26.03 -1.10 6.72
CA TRP B 26 25.51 -1.25 8.07
C TRP B 26 26.67 -1.19 9.06
N GLN B 27 26.47 -0.47 10.17
CA GLN B 27 27.45 -0.39 11.24
C GLN B 27 26.81 -0.87 12.54
N GLU B 28 27.53 -1.73 13.27
CA GLU B 28 27.21 -1.98 14.66
C GLU B 28 27.34 -0.67 15.44
N ARG B 29 26.38 -0.41 16.33
CA ARG B 29 26.39 0.82 17.11
C ARG B 29 26.92 0.58 18.51
N THR B 30 27.77 1.53 18.97
CA THR B 30 28.38 1.48 20.29
C THR B 30 27.93 2.63 21.17
N ASP B 31 27.03 3.49 20.68
CA ASP B 31 26.56 4.67 21.39
C ASP B 31 25.21 4.46 22.07
N GLU B 32 24.72 3.23 22.13
CA GLU B 32 23.39 2.94 22.65
C GLU B 32 23.49 2.17 23.93
N SER B 33 22.74 2.60 24.95
CA SER B 33 22.45 1.75 26.08
C SER B 33 21.71 0.50 25.62
N ILE B 34 21.73 -0.54 26.45
CA ILE B 34 20.98 -1.74 26.09
C ILE B 34 19.50 -1.44 25.98
N GLU B 35 18.96 -0.55 26.82
CA GLU B 35 17.55 -0.23 26.71
C GLU B 35 17.21 0.47 25.39
N THR B 36 18.07 1.40 24.97
CA THR B 36 17.87 2.10 23.70
C THR B 36 17.98 1.15 22.52
N LYS B 37 19.00 0.27 22.55
CA LYS B 37 19.18 -0.68 21.45
C LYS B 37 17.98 -1.61 21.35
N ARG B 38 17.49 -2.12 22.49
CA ARG B 38 16.28 -2.95 22.48
C ARG B 38 15.08 -2.19 21.89
N ALA B 39 14.93 -0.92 22.24
CA ALA B 39 13.78 -0.17 21.76
C ALA B 39 13.87 0.09 20.27
N ARG B 40 15.06 0.41 19.77
CA ARG B 40 15.25 0.59 18.35
C ARG B 40 14.97 -0.71 17.59
N LEU B 41 15.50 -1.83 18.09
CA LEU B 41 15.28 -3.09 17.37
C LEU B 41 13.83 -3.52 17.45
N LEU B 42 13.09 -3.07 18.44
CA LEU B 42 11.64 -3.31 18.46
C LEU B 42 10.97 -2.62 17.30
N TYR B 43 11.20 -1.32 17.17
CA TYR B 43 10.66 -0.58 16.04
C TYR B 43 11.06 -1.22 14.72
N GLU B 44 12.35 -1.53 14.56
CA GLU B 44 12.88 -2.02 13.30
C GLU B 44 12.48 -3.46 13.04
N SER B 45 11.98 -4.19 14.05
CA SER B 45 11.40 -5.51 13.83
C SER B 45 9.94 -5.42 13.39
N ARG B 46 9.20 -4.48 13.96
CA ARG B 46 7.77 -4.38 13.70
C ARG B 46 7.49 -3.71 12.36
N LYS B 47 8.38 -2.84 11.91
CA LYS B 47 8.12 -1.95 10.77
C LYS B 47 9.02 -2.41 9.63
N ARG B 48 8.55 -3.44 8.90
CA ARG B 48 9.24 -4.04 7.76
C ARG B 48 8.47 -3.74 6.48
N GLY B 49 9.04 -4.16 5.34
CA GLY B 49 8.45 -3.81 4.06
C GLY B 49 7.42 -4.76 3.53
N MET B 50 7.22 -5.89 4.19
CA MET B 50 6.13 -6.79 3.81
C MET B 50 5.57 -7.44 5.07
N LEU B 51 4.30 -7.87 4.99
CA LEU B 51 3.62 -8.38 6.18
C LEU B 51 4.34 -9.60 6.73
N GLU B 52 4.97 -10.40 5.86
CA GLU B 52 5.59 -11.64 6.31
C GLU B 52 6.62 -11.38 7.39
N ASN B 53 7.52 -10.43 7.13
CA ASN B 53 8.53 -10.12 8.15
C ASN B 53 7.99 -9.22 9.25
N CYS B 54 7.01 -8.37 8.99
CA CYS B 54 6.37 -7.66 10.09
C CYS B 54 5.87 -8.66 11.12
N ILE B 55 5.20 -9.73 10.67
CA ILE B 55 4.63 -10.70 11.59
C ILE B 55 5.74 -11.50 12.26
N LEU B 56 6.61 -12.11 11.46
CA LEU B 56 7.60 -13.04 12.03
C LEU B 56 8.58 -12.30 12.93
N LEU B 57 9.06 -11.13 12.51
CA LEU B 57 10.05 -10.42 13.30
C LEU B 57 9.42 -9.71 14.51
N SER B 58 8.19 -9.20 14.40
CA SER B 58 7.56 -8.64 15.59
C SER B 58 7.34 -9.72 16.65
N LEU B 59 6.95 -10.92 16.22
CA LEU B 59 6.77 -12.02 17.18
C LEU B 59 8.11 -12.49 17.76
N PHE B 60 9.12 -12.65 16.90
CA PHE B 60 10.45 -13.03 17.37
C PHE B 60 10.99 -11.99 18.36
N ALA B 61 10.81 -10.71 18.04
CA ALA B 61 11.30 -9.65 18.93
C ALA B 61 10.60 -9.71 20.30
N LYS B 62 9.29 -9.94 20.30
CA LYS B 62 8.57 -10.07 21.57
C LYS B 62 9.20 -11.17 22.40
N GLU B 63 9.57 -12.28 21.77
CA GLU B 63 10.10 -13.40 22.51
C GLU B 63 11.48 -13.11 23.08
N HIS B 64 12.28 -12.28 22.40
CA HIS B 64 13.70 -12.23 22.71
C HIS B 64 14.28 -10.90 23.13
N LEU B 65 13.83 -9.76 22.60
CA LEU B 65 14.65 -8.56 22.74
C LEU B 65 14.93 -8.20 24.19
N GLN B 66 13.90 -8.21 25.03
CA GLN B 66 14.07 -7.80 26.43
C GLN B 66 14.89 -8.80 27.24
N HIS B 67 15.27 -9.93 26.65
CA HIS B 67 16.01 -10.99 27.35
C HIS B 67 17.38 -11.26 26.77
N MET B 68 17.73 -10.60 25.66
CA MET B 68 18.97 -10.86 24.98
C MET B 68 20.13 -10.12 25.63
N THR B 69 21.32 -10.69 25.45
CA THR B 69 22.53 -9.99 25.82
C THR B 69 22.85 -8.92 24.77
N GLU B 70 23.76 -8.02 25.12
CA GLU B 70 24.14 -7.00 24.13
C GLU B 70 24.76 -7.66 22.90
N LYS B 71 25.54 -8.73 23.09
CA LYS B 71 26.11 -9.46 21.96
C LYS B 71 25.01 -10.00 21.07
N GLN B 72 24.00 -10.62 21.67
CA GLN B 72 22.89 -11.13 20.87
C GLN B 72 22.14 -10.02 20.16
N LEU B 73 21.92 -8.90 20.84
CA LEU B 73 21.25 -7.78 20.18
C LEU B 73 22.03 -7.32 18.95
N ASN B 74 23.37 -7.26 19.06
CA ASN B 74 24.16 -6.79 17.92
C ASN B 74 24.10 -7.77 16.76
N LEU B 75 24.08 -9.07 17.05
CA LEU B 75 23.92 -10.06 16.01
C LEU B 75 22.55 -9.96 15.35
N TYR B 76 21.51 -9.75 16.17
CA TYR B 76 20.16 -9.58 15.63
C TYR B 76 20.07 -8.31 14.78
N ASP B 77 20.69 -7.24 15.26
CA ASP B 77 20.73 -5.96 14.53
C ASP B 77 21.28 -6.17 13.12
N ARG B 78 22.43 -6.82 13.02
CA ARG B 78 23.02 -7.08 11.71
C ARG B 78 22.11 -7.94 10.85
N LEU B 79 21.55 -8.99 11.45
CA LEU B 79 20.70 -9.93 10.72
C LEU B 79 19.52 -9.23 10.08
N ILE B 80 18.80 -8.40 10.83
CA ILE B 80 17.57 -7.84 10.27
C ILE B 80 17.77 -6.48 9.60
N ASN B 81 18.90 -5.82 9.81
CA ASN B 81 19.08 -4.49 9.29
C ASN B 81 20.18 -4.33 8.25
N GLU B 82 21.16 -5.25 8.18
CA GLU B 82 22.17 -5.11 7.14
C GLU B 82 21.60 -5.44 5.75
N PRO B 83 20.82 -6.49 5.57
CA PRO B 83 20.34 -6.81 4.22
C PRO B 83 19.43 -5.72 3.67
N SER B 84 19.68 -5.35 2.40
CA SER B 84 18.84 -4.36 1.72
C SER B 84 17.42 -4.87 1.51
N ASN B 85 17.26 -6.16 1.30
CA ASN B 85 16.00 -6.74 0.86
C ASN B 85 15.42 -7.63 1.95
N ASP B 86 14.27 -7.19 2.49
CA ASP B 86 13.50 -8.04 3.42
C ASP B 86 13.32 -9.46 2.92
N TRP B 87 13.09 -9.63 1.60
CA TRP B 87 12.89 -10.98 1.09
C TRP B 87 14.09 -11.90 1.34
N ASP B 88 15.31 -11.36 1.34
CA ASP B 88 16.46 -12.22 1.60
C ASP B 88 16.38 -12.79 3.01
N ILE B 89 15.98 -11.96 3.98
CA ILE B 89 15.82 -12.42 5.36
C ILE B 89 14.73 -13.48 5.45
N TYR B 90 13.59 -13.22 4.80
CA TYR B 90 12.48 -14.15 4.85
C TYR B 90 12.86 -15.49 4.26
N TYR B 91 13.60 -15.46 3.15
CA TYR B 91 14.02 -16.73 2.53
C TYR B 91 15.13 -17.41 3.34
N TRP B 92 16.03 -16.65 3.97
CA TRP B 92 17.00 -17.31 4.84
C TRP B 92 16.29 -18.01 6.00
N ALA B 93 15.26 -17.36 6.54
CA ALA B 93 14.59 -17.89 7.73
C ALA B 93 13.69 -19.08 7.38
N THR B 94 13.03 -19.05 6.22
CA THR B 94 12.06 -20.10 5.90
C THR B 94 12.68 -21.23 5.08
N GLU B 95 13.98 -21.19 4.84
CA GLU B 95 14.79 -22.31 4.37
C GLU B 95 14.97 -22.31 2.87
N ALA B 96 14.46 -21.29 2.18
CA ALA B 96 14.56 -21.25 0.73
C ALA B 96 15.96 -20.88 0.24
N LYS B 97 16.77 -20.22 1.07
CA LYS B 97 18.13 -19.84 0.70
C LYS B 97 19.05 -19.97 1.91
N PRO B 98 20.34 -20.22 1.69
CA PRO B 98 21.30 -20.25 2.80
C PRO B 98 21.91 -18.88 3.05
N ALA B 99 22.09 -18.56 4.33
CA ALA B 99 22.56 -17.22 4.68
C ALA B 99 24.07 -17.12 4.46
N PRO B 100 24.55 -15.93 4.07
CA PRO B 100 26.01 -15.71 4.04
C PRO B 100 26.66 -16.06 5.38
N GLU B 101 27.97 -16.34 5.36
CA GLU B 101 28.63 -16.80 6.58
C GLU B 101 28.56 -15.76 7.68
N ILE B 102 28.52 -14.48 7.33
CA ILE B 102 28.44 -13.42 8.34
C ILE B 102 27.19 -13.56 9.19
N PHE B 103 26.14 -14.20 8.68
CA PHE B 103 24.88 -14.34 9.39
C PHE B 103 24.70 -15.73 10.01
N GLU B 104 25.73 -16.57 9.99
CA GLU B 104 25.61 -17.95 10.47
C GLU B 104 26.02 -18.01 11.93
N ASN B 105 25.05 -17.78 12.82
CA ASN B 105 25.32 -17.75 14.26
C ASN B 105 24.06 -18.19 15.01
N GLU B 106 24.11 -18.11 16.35
CA GLU B 106 23.03 -18.60 17.18
C GLU B 106 21.72 -17.83 16.98
N VAL B 107 21.80 -16.53 16.67
CA VAL B 107 20.56 -15.77 16.50
C VAL B 107 19.89 -16.19 15.20
N MET B 108 20.68 -16.40 14.14
CA MET B 108 20.09 -16.91 12.90
C MET B 108 19.50 -18.29 13.14
N ALA B 109 20.21 -19.12 13.91
CA ALA B 109 19.71 -20.46 14.21
C ALA B 109 18.37 -20.39 14.92
N LEU B 110 18.25 -19.48 15.90
CA LEU B 110 16.97 -19.26 16.58
C LEU B 110 15.89 -18.84 15.62
N LEU B 111 16.20 -17.89 14.70
CA LEU B 111 15.17 -17.39 13.81
C LEU B 111 14.73 -18.46 12.82
N ARG B 112 15.68 -19.22 12.25
CA ARG B 112 15.33 -20.31 11.35
C ARG B 112 14.45 -21.36 12.03
N ASP B 113 14.80 -21.73 13.26
CA ASP B 113 14.00 -22.75 13.94
C ASP B 113 12.62 -22.22 14.24
N PHE B 114 12.54 -20.95 14.67
CA PHE B 114 11.25 -20.32 14.95
C PHE B 114 10.36 -20.34 13.71
N ALA B 115 10.91 -19.98 12.57
CA ALA B 115 10.08 -19.86 11.37
C ALA B 115 9.48 -21.22 10.98
N LYS B 116 10.15 -22.32 11.31
CA LYS B 116 9.63 -23.64 10.98
C LYS B 116 8.30 -23.93 11.65
N ASN B 117 7.98 -23.25 12.75
CA ASN B 117 6.69 -23.39 13.44
C ASN B 117 6.40 -24.86 13.78
N LYS B 118 7.33 -25.50 14.51
CA LYS B 118 7.20 -26.94 14.74
C LYS B 118 6.02 -27.30 15.64
N ASN B 119 5.47 -26.35 16.39
CA ASN B 119 4.29 -26.62 17.20
C ASN B 119 3.00 -26.16 16.54
N LYS B 120 3.07 -25.77 15.27
CA LYS B 120 1.88 -25.48 14.46
C LYS B 120 1.01 -24.41 15.13
N GLU B 121 1.66 -23.34 15.56
CA GLU B 121 0.98 -22.20 16.13
C GLU B 121 0.49 -21.25 15.06
N GLN B 122 -0.43 -20.37 15.45
CA GLN B 122 -0.92 -19.31 14.59
C GLN B 122 -0.03 -18.08 14.74
N ARG B 123 0.56 -17.64 13.64
CA ARG B 123 1.39 -16.46 13.57
C ARG B 123 0.74 -15.55 12.56
N LEU B 124 -0.31 -14.89 13.00
CA LEU B 124 -1.22 -14.19 12.11
C LEU B 124 -1.26 -12.70 12.36
N ARG B 125 -0.68 -12.23 13.45
CA ARG B 125 -0.76 -10.83 13.83
C ARG B 125 0.53 -10.45 14.55
N ALA B 126 0.96 -9.22 14.39
CA ALA B 126 1.96 -8.66 15.28
C ALA B 126 1.36 -8.56 16.68
N PRO B 127 2.16 -8.75 17.71
CA PRO B 127 1.61 -8.68 19.06
C PRO B 127 1.32 -7.24 19.46
N ASP B 128 0.28 -7.09 20.25
CA ASP B 128 0.06 -5.82 20.94
C ASP B 128 1.21 -5.58 21.90
N LEU B 129 1.44 -4.30 22.23
CA LEU B 129 2.64 -3.96 22.97
C LEU B 129 2.50 -4.12 24.49
N GLU B 130 1.34 -4.51 25.01
CA GLU B 130 1.17 -4.57 26.45
C GLU B 130 2.15 -5.53 27.11
N TYR B 131 2.69 -6.51 26.37
CA TYR B 131 3.66 -7.42 26.97
C TYR B 131 4.87 -6.69 27.53
N LEU B 132 5.14 -5.49 27.04
CA LEU B 132 6.27 -4.72 27.50
C LEU B 132 6.01 -4.04 28.84
N PHE B 133 4.75 -3.84 29.19
CA PHE B 133 4.37 -2.91 30.25
C PHE B 133 3.54 -3.52 31.35
N GLU B 134 2.57 -4.36 31.02
CA GLU B 134 1.70 -4.98 32.00
C GLU B 134 2.11 -6.43 32.22
N LYS B 135 1.84 -6.92 33.42
CA LYS B 135 1.97 -8.36 33.65
C LYS B 135 0.70 -9.07 33.17
N PRO B 136 0.82 -10.28 32.66
CA PRO B 136 -0.39 -11.02 32.26
C PRO B 136 -1.15 -11.51 33.49
N ARG B 137 -2.44 -11.17 33.54
CA ARG B 137 -3.26 -11.55 34.69
C ARG B 137 -4.07 -12.82 34.40
N PRO C 65 22.61 -20.27 -18.92
CA PRO C 65 21.95 -21.45 -18.36
C PRO C 65 21.61 -21.25 -16.88
N ASP C 66 22.55 -20.72 -16.11
CA ASP C 66 22.30 -20.47 -14.69
C ASP C 66 21.04 -19.63 -14.50
N ASP C 67 20.99 -18.47 -15.17
CA ASP C 67 19.88 -17.53 -15.05
C ASP C 67 19.01 -17.49 -16.30
N VAL C 68 19.12 -18.49 -17.18
CA VAL C 68 18.33 -18.54 -18.40
C VAL C 68 17.27 -19.61 -18.23
N ASN C 69 16.03 -19.21 -18.34
CA ASN C 69 14.90 -20.14 -18.34
C ASN C 69 15.05 -21.12 -19.50
N PRO C 70 15.11 -22.42 -19.25
CA PRO C 70 15.32 -23.36 -20.36
C PRO C 70 14.20 -23.37 -21.39
N VAL C 71 12.99 -23.00 -21.00
CA VAL C 71 11.84 -23.08 -21.90
C VAL C 71 11.68 -21.81 -22.72
N THR C 72 11.69 -20.65 -22.06
CA THR C 72 11.42 -19.39 -22.72
C THR C 72 12.68 -18.65 -23.13
N LYS C 73 13.84 -19.02 -22.60
CA LYS C 73 15.10 -18.32 -22.81
C LYS C 73 15.10 -16.91 -22.21
N GLU C 74 14.12 -16.59 -21.37
CA GLU C 74 14.20 -15.39 -20.55
C GLU C 74 15.44 -15.46 -19.66
N LYS C 75 16.16 -14.34 -19.58
CA LYS C 75 17.37 -14.24 -18.77
C LYS C 75 17.14 -13.28 -17.61
N GLY C 76 17.49 -13.71 -16.40
CA GLY C 76 17.34 -12.85 -15.25
C GLY C 76 15.92 -12.66 -14.76
N GLY C 77 15.02 -13.57 -15.10
CA GLY C 77 13.63 -13.43 -14.73
C GLY C 77 13.23 -14.31 -13.55
N PRO C 78 11.93 -14.37 -13.27
CA PRO C 78 11.42 -15.15 -12.15
C PRO C 78 11.88 -16.59 -12.17
N ARG C 79 12.20 -17.09 -10.98
CA ARG C 79 12.64 -18.46 -10.83
C ARG C 79 11.46 -19.42 -10.72
N GLY C 80 11.75 -20.72 -10.84
CA GLY C 80 10.73 -21.72 -10.64
C GLY C 80 9.63 -21.68 -11.68
N PRO C 81 8.42 -22.08 -11.31
CA PRO C 81 7.31 -22.09 -12.29
C PRO C 81 6.94 -20.67 -12.67
N GLU C 82 6.27 -20.56 -13.80
CA GLU C 82 5.87 -19.27 -14.34
C GLU C 82 4.93 -18.59 -13.35
N PRO C 83 5.28 -17.41 -12.83
CA PRO C 83 4.44 -16.79 -11.80
C PRO C 83 3.05 -16.43 -12.26
N THR C 84 2.84 -16.18 -13.56
CA THR C 84 1.54 -15.74 -14.05
C THR C 84 0.73 -16.88 -14.62
N ARG C 85 1.12 -18.12 -14.35
CA ARG C 85 0.50 -19.22 -15.05
C ARG C 85 -0.99 -19.36 -14.74
N TYR C 86 -1.46 -18.84 -13.61
CA TYR C 86 -2.88 -18.87 -13.26
C TYR C 86 -3.59 -17.56 -13.57
N GLY C 87 -2.88 -16.57 -14.10
CA GLY C 87 -3.48 -15.28 -14.43
C GLY C 87 -3.17 -14.18 -13.44
N ASP C 88 -2.97 -14.52 -12.16
CA ASP C 88 -2.45 -13.61 -11.17
C ASP C 88 -0.93 -13.70 -11.21
N TRP C 89 -0.24 -13.19 -10.20
CA TRP C 89 1.21 -13.33 -10.08
C TRP C 89 1.43 -14.00 -8.74
N GLU C 90 1.96 -15.23 -8.76
CA GLU C 90 2.09 -16.01 -7.54
C GLU C 90 3.56 -16.35 -7.29
N ARG C 91 3.91 -16.39 -6.00
CA ARG C 91 5.19 -16.96 -5.55
C ARG C 91 4.92 -17.82 -4.32
N LYS C 92 5.32 -19.07 -4.37
CA LYS C 92 5.18 -20.01 -3.24
C LYS C 92 3.73 -20.11 -2.78
N GLY C 93 2.79 -19.98 -3.72
CA GLY C 93 1.39 -20.02 -3.40
C GLY C 93 0.79 -18.70 -2.98
N ARG C 94 1.63 -17.69 -2.70
CA ARG C 94 1.17 -16.35 -2.34
C ARG C 94 0.81 -15.57 -3.59
N CYS C 95 -0.33 -14.90 -3.58
CA CYS C 95 -0.67 -13.99 -4.66
C CYS C 95 0.00 -12.65 -4.38
N ILE C 96 0.94 -12.27 -5.25
CA ILE C 96 1.67 -11.01 -5.15
C ILE C 96 0.87 -9.88 -5.74
N ASP C 97 0.26 -10.12 -6.90
CA ASP C 97 -0.48 -9.10 -7.62
C ASP C 97 -1.52 -9.82 -8.46
N PHE C 98 -2.49 -9.05 -8.93
CA PHE C 98 -3.56 -9.60 -9.76
C PHE C 98 -4.14 -8.48 -10.60
PA FAD D . 5.21 2.83 -0.08
O1A FAD D . 4.26 2.22 0.85
O2A FAD D . 6.14 1.99 -0.85
O5B FAD D . 6.11 3.85 0.68
C5B FAD D . 5.53 4.83 1.55
C4B FAD D . 6.67 5.62 2.16
O4B FAD D . 6.05 6.65 2.97
C3B FAD D . 7.60 4.83 3.08
O3B FAD D . 8.95 5.12 2.76
C2B FAD D . 7.21 5.32 4.48
O2B FAD D . 8.33 5.36 5.36
C1B FAD D . 6.77 6.74 4.17
N9A FAD D . 5.88 7.28 5.18
C8A FAD D . 4.61 6.86 5.49
N7A FAD D . 4.09 7.47 6.53
C5A FAD D . 5.09 8.34 6.93
C6A FAD D . 5.18 9.26 7.98
N6A FAD D . 4.20 9.46 8.88
N1A FAD D . 6.33 9.98 8.10
C2A FAD D . 7.30 9.77 7.22
N3A FAD D . 7.35 8.91 6.21
C4A FAD D . 6.20 8.23 6.11
N1 FAD D . 2.05 -3.16 -7.75
C2 FAD D . 2.56 -3.51 -8.97
O2 FAD D . 2.41 -2.77 -9.96
N3 FAD D . 3.20 -4.73 -9.11
C4 FAD D . 3.38 -5.70 -8.11
O4 FAD D . 3.97 -6.74 -8.37
C4X FAD D . 2.82 -5.31 -6.82
N5 FAD D . 2.97 -6.17 -5.79
C5X FAD D . 2.47 -5.78 -4.55
C6 FAD D . 2.61 -6.64 -3.46
C7 FAD D . 2.12 -6.28 -2.21
C7M FAD D . 2.26 -7.24 -1.05
C8 FAD D . 1.55 -5.01 -2.03
C8M FAD D . 1.01 -4.58 -0.70
C9 FAD D . 1.42 -4.14 -3.11
C9A FAD D . 1.89 -4.52 -4.36
N10 FAD D . 1.72 -3.68 -5.48
C10 FAD D . 2.25 -4.01 -6.71
C1' FAD D . 1.26 -2.33 -5.29
C2' FAD D . 2.47 -1.40 -5.20
O2' FAD D . 3.57 -2.16 -4.69
C3' FAD D . 2.22 -0.33 -4.15
O3' FAD D . 1.05 0.37 -4.56
C4' FAD D . 3.36 0.70 -4.20
O4' FAD D . 4.60 0.03 -3.98
C5' FAD D . 3.19 1.83 -3.21
O5' FAD D . 4.35 2.67 -3.29
P FAD D . 4.40 4.09 -2.62
O1P FAD D . 5.75 4.71 -2.96
O2P FAD D . 3.18 4.85 -2.97
O3P FAD D . 4.37 3.76 -1.05
O2 PG4 E . -28.69 -9.69 -3.75
C3 PG4 E . -29.01 -10.47 -2.59
C4 PG4 E . -27.76 -11.14 -1.99
O3 PG4 E . -26.87 -10.14 -1.61
C5 PG4 E . -27.51 -9.14 -0.87
C6 PG4 E . -27.32 -9.43 0.61
O4 PG4 E . -28.30 -8.83 1.39
C7 PG4 E . -28.46 -7.44 1.21
C8 PG4 E . -29.17 -6.87 2.43
O5 PG4 E . -28.52 -7.28 3.59
O1 PG4 F . -1.87 21.36 8.39
C1 PG4 F . -1.87 21.00 9.75
C2 PG4 F . -2.96 21.73 10.53
O2 PG4 F . -2.69 21.54 11.90
C3 PG4 F . -2.71 20.18 12.24
C4 PG4 F . -2.47 19.98 13.74
O3 PG4 F . -2.72 18.63 14.01
C5 PG4 F . -1.88 18.01 14.95
C6 PG4 F . -1.81 16.52 14.65
O4 PG4 F . -0.52 15.98 14.87
C7 PG4 F . -0.01 15.13 13.87
C8 PG4 F . 0.11 13.69 14.33
O5 PG4 F . 0.65 12.84 13.34
K K G . -4.39 5.90 -4.19
CL CL H . -21.70 -18.78 -12.27
C1 EDO I . -6.98 -13.58 -12.49
O1 EDO I . -8.32 -13.88 -12.09
C2 EDO I . -6.32 -12.58 -11.53
O2 EDO I . -6.73 -11.23 -11.88
C1 EDO J . -13.41 -9.16 11.38
O1 EDO J . -14.47 -9.82 10.67
C2 EDO J . -12.59 -10.19 12.15
O2 EDO J . -13.36 -10.73 13.24
C1 EDO K . 8.82 0.50 24.20
O1 EDO K . 9.94 0.43 23.34
C2 EDO K . 7.56 0.74 23.39
O2 EDO K . 7.52 2.12 22.99
C1 EDO L . 8.73 9.35 20.25
O1 EDO L . 9.85 10.22 20.39
C2 EDO L . 9.13 8.22 19.32
O2 EDO L . 10.48 7.93 19.68
C1 EDO M . -15.25 -9.84 5.60
O1 EDO M . -14.05 -10.42 6.17
C2 EDO M . -16.37 -10.86 5.67
O2 EDO M . -16.90 -11.01 7.01
C1 EDO N . 0.20 -2.65 15.07
O1 EDO N . 0.66 -2.83 13.74
C2 EDO N . 0.25 -4.02 15.71
O2 EDO N . -0.84 -4.79 15.17
C1 EDO O . -13.35 -2.92 -13.78
O1 EDO O . -13.66 -1.85 -12.88
C2 EDO O . -14.49 -3.06 -14.77
O2 EDO O . -15.71 -2.86 -14.06
C1 EDO P . -0.28 13.35 -32.65
O1 EDO P . 0.64 12.66 -31.83
C2 EDO P . -0.75 14.61 -31.93
O2 EDO P . -1.51 15.28 -32.94
C1 EDO Q . -5.38 -8.24 12.23
O1 EDO Q . -4.28 -7.96 11.37
C2 EDO Q . -5.48 -7.15 13.30
O2 EDO Q . -4.28 -7.17 14.10
C1 EDO R . -21.67 12.52 4.87
O1 EDO R . -22.85 11.81 4.51
C2 EDO R . -21.64 12.76 6.37
O2 EDO R . -22.93 13.15 6.82
C1 EDO S . -24.79 8.18 7.31
O1 EDO S . -25.43 7.36 8.30
C2 EDO S . -25.36 9.59 7.38
O2 EDO S . -24.67 10.29 8.41
C1 EDO T . 4.65 17.22 -15.36
O1 EDO T . 5.22 16.68 -16.57
C2 EDO T . 4.83 18.73 -15.40
O2 EDO T . 4.83 19.15 -16.77
C1 EDO U . -20.26 12.11 10.70
O1 EDO U . -20.41 13.41 10.13
C2 EDO U . -20.50 12.25 12.20
O2 EDO U . -21.87 12.52 12.42
C1 EDO V . -6.30 21.56 -11.87
O1 EDO V . -5.05 21.44 -12.51
C2 EDO V . -6.71 23.02 -11.65
O2 EDO V . -6.16 23.85 -12.67
C1 EDO W . -3.64 3.94 -33.59
O1 EDO W . -4.65 3.80 -34.60
C2 EDO W . -3.83 2.84 -32.56
O2 EDO W . -4.03 1.59 -33.21
C1 EDO X . -11.88 -10.57 -10.45
O1 EDO X . -12.62 -9.58 -11.18
C2 EDO X . -11.97 -11.90 -11.16
O2 EDO X . -11.13 -12.86 -10.51
C1 EDO Y . 15.98 -0.64 9.22
O1 EDO Y . 15.60 -2.02 9.12
C2 EDO Y . 17.41 -0.45 8.76
O2 EDO Y . 17.69 -1.42 7.75
C1 EDO Z . 1.48 1.52 0.09
O1 EDO Z . 1.73 1.66 1.49
C2 EDO Z . 1.09 0.08 -0.10
O2 EDO Z . 0.19 -0.25 0.96
C1 EDO AA . -23.76 -13.46 -3.91
O1 EDO AA . -22.44 -13.63 -4.44
C2 EDO AA . -23.86 -12.05 -3.34
O2 EDO AA . -25.19 -11.88 -2.86
C1 EDO BA . -30.45 3.69 0.68
O1 EDO BA . -31.27 4.78 0.27
C2 EDO BA . -29.73 4.14 1.94
O2 EDO BA . -29.95 3.20 2.98
C1 EDO CA . 11.84 28.76 -13.58
O1 EDO CA . 11.89 27.36 -13.89
C2 EDO CA . 10.39 29.22 -13.51
O2 EDO CA . 9.83 29.22 -14.83
C1 EDO DA . 13.27 7.08 -14.79
O1 EDO DA . 13.13 8.34 -15.44
C2 EDO DA . 11.95 6.35 -14.73
O2 EDO DA . 11.04 7.16 -14.03
C1 EDO EA . -20.84 11.22 -24.09
O1 EDO EA . -19.69 10.45 -23.68
C2 EDO EA . -21.30 10.74 -25.45
O2 EDO EA . -20.48 9.64 -25.86
C1 EDO FA . -22.61 -6.63 -6.20
O1 EDO FA . -23.30 -7.77 -5.76
C2 EDO FA . -23.41 -5.40 -6.05
O2 EDO FA . -23.47 -4.66 -7.25
C1 EDO GA . -8.03 17.31 -24.96
O1 EDO GA . -9.36 17.16 -25.48
C2 EDO GA . -7.23 18.30 -25.79
O2 EDO GA . -7.38 18.01 -27.20
C1 PEG HA . 5.26 26.74 -5.35
O1 PEG HA . 6.31 26.84 -6.29
C2 PEG HA . 5.00 28.09 -4.67
O2 PEG HA . 5.29 27.94 -3.30
C3 PEG HA . 4.33 28.48 -2.43
C4 PEG HA . 4.23 27.57 -1.20
O4 PEG HA . 5.48 27.23 -0.70
C1 EDO IA . 1.76 -12.10 -0.31
O1 EDO IA . 3.19 -12.08 -0.18
C2 EDO IA . 1.11 -10.95 0.47
O2 EDO IA . -0.24 -10.85 0.02
C1 EDO JA . -2.40 -9.86 18.99
O1 EDO JA . -1.92 -11.20 18.80
C2 EDO JA . -2.42 -9.57 20.50
O2 EDO JA . -1.08 -9.41 20.97
C1 EDO KA . 11.10 -18.58 21.22
O1 EDO KA . 9.85 -19.16 21.71
C2 EDO KA . 11.04 -18.40 19.71
O2 EDO KA . 12.38 -18.30 19.20
C1 EDO LA . 7.69 -24.43 6.62
O1 EDO LA . 8.96 -23.81 6.34
C2 EDO LA . 7.47 -24.44 8.12
O2 EDO LA . 7.88 -25.72 8.62
C1 PEG MA . 28.36 -8.27 18.45
O1 PEG MA . 28.60 -9.63 18.67
C2 PEG MA . 29.20 -7.41 19.39
O2 PEG MA . 28.80 -7.57 20.73
C3 PEG MA . 29.90 -7.42 21.61
C4 PEG MA . 29.43 -7.10 23.04
O4 PEG MA . 28.91 -5.79 23.08
C1 EDO NA . 13.28 -20.82 -14.92
O1 EDO NA . 13.69 -22.19 -14.75
C2 EDO NA . 14.30 -19.89 -14.25
O2 EDO NA . 15.61 -20.16 -14.78
#